data_7UXJ
#
_entry.id   7UXJ
#
_cell.length_a   61.770
_cell.length_b   74.530
_cell.length_c   73.770
_cell.angle_alpha   90.000
_cell.angle_beta   90.900
_cell.angle_gamma   90.000
#
_symmetry.space_group_name_H-M   'P 1 21 1'
#
loop_
_entity.id
_entity.type
_entity.pdbx_description
1 polymer 'Peptidyl-prolyl cis-trans isomerase A'
2 polymer FP29102
3 non-polymer 'AMINO GROUP'
4 non-polymer "N,N'-(1,4-phenylene)diacetamide"
5 water water
#
loop_
_entity_poly.entity_id
_entity_poly.type
_entity_poly.pdbx_seq_one_letter_code
_entity_poly.pdbx_strand_id
1 'polypeptide(L)'
;GMVNPTVFFDIAVDGEPLGRVSFELFADKVPKTAENFRALSTGEKGFGYKGSCFHRIIPGFMCQGGDFTRHNGTGGKSIY
GEKFEDENFILKHTGPGILSMANAGPNTNGSQFFICTAKTEWLDGKHVVFGKVKEGMNIVEAMERFGSRNGKTSKKITIA
DCGQLE
;
A,B,C,D
2 'polypeptide(L)' (ACE)PECHIEAYWCI E,F,G,H
#
# COMPACT_ATOMS: atom_id res chain seq x y z
N GLY A 1 8.18 -3.86 -4.38
CA GLY A 1 7.26 -2.78 -4.65
C GLY A 1 5.90 -2.99 -4.04
N MET A 2 5.86 -3.08 -2.70
CA MET A 2 4.65 -3.38 -1.94
C MET A 2 4.12 -4.76 -2.31
N VAL A 3 4.25 -5.72 -1.40
CA VAL A 3 3.89 -7.11 -1.65
C VAL A 3 3.05 -7.60 -0.49
N ASN A 4 2.00 -8.36 -0.80
CA ASN A 4 1.13 -8.89 0.23
C ASN A 4 1.92 -9.82 1.15
N PRO A 5 1.73 -9.73 2.46
CA PRO A 5 2.43 -10.64 3.38
C PRO A 5 2.04 -12.09 3.14
N THR A 6 2.99 -12.98 3.43
CA THR A 6 2.78 -14.41 3.40
C THR A 6 3.14 -14.99 4.75
N VAL A 7 2.20 -15.72 5.35
CA VAL A 7 2.37 -16.30 6.68
C VAL A 7 2.13 -17.80 6.57
N PHE A 8 2.64 -18.54 7.56
CA PHE A 8 2.55 -19.99 7.56
C PHE A 8 2.05 -20.49 8.91
N PHE A 9 1.35 -21.62 8.88
CA PHE A 9 1.04 -22.42 10.05
C PHE A 9 1.71 -23.78 9.89
N ASP A 10 2.45 -24.21 10.90
CA ASP A 10 2.91 -25.60 10.98
C ASP A 10 1.86 -26.36 11.78
N ILE A 11 1.14 -27.26 11.12
CA ILE A 11 0.03 -27.96 11.74
C ILE A 11 0.54 -29.24 12.40
N ALA A 12 -0.03 -29.57 13.56
CA ALA A 12 0.34 -30.77 14.30
C ALA A 12 -0.91 -31.53 14.70
N VAL A 13 -0.83 -32.85 14.66
CA VAL A 13 -1.92 -33.74 15.05
C VAL A 13 -1.48 -34.46 16.33
N ASP A 14 -2.07 -34.06 17.46
CA ASP A 14 -1.70 -34.58 18.78
C ASP A 14 -0.19 -34.46 19.02
N GLY A 15 0.39 -33.34 18.57
CA GLY A 15 1.80 -33.10 18.68
C GLY A 15 2.64 -33.62 17.52
N GLU A 16 2.05 -34.40 16.63
CA GLU A 16 2.78 -34.95 15.49
C GLU A 16 2.76 -33.97 14.33
N PRO A 17 3.90 -33.58 13.78
CA PRO A 17 3.90 -32.65 12.64
C PRO A 17 3.14 -33.23 11.45
N LEU A 18 2.22 -32.43 10.93
CA LEU A 18 1.43 -32.82 9.76
C LEU A 18 1.92 -32.16 8.48
N GLY A 19 2.15 -30.86 8.52
CA GLY A 19 2.57 -30.15 7.33
C GLY A 19 2.36 -28.66 7.50
N ARG A 20 2.90 -27.93 6.54
CA ARG A 20 2.85 -26.47 6.55
C ARG A 20 1.78 -25.97 5.58
N VAL A 21 0.98 -25.01 6.04
CA VAL A 21 0.07 -24.24 5.20
C VAL A 21 0.55 -22.80 5.21
N SER A 22 0.72 -22.22 4.03
CA SER A 22 1.06 -20.82 3.88
C SER A 22 -0.12 -20.06 3.29
N PHE A 23 -0.28 -18.81 3.72
CA PHE A 23 -1.38 -17.97 3.26
C PHE A 23 -0.84 -16.67 2.71
N GLU A 24 -1.39 -16.25 1.58
CA GLU A 24 -1.27 -14.86 1.17
C GLU A 24 -2.35 -14.05 1.89
N LEU A 25 -1.96 -12.89 2.41
CA LEU A 25 -2.90 -11.98 3.04
C LEU A 25 -3.07 -10.75 2.17
N PHE A 26 -4.33 -10.42 1.86
CA PHE A 26 -4.65 -9.38 0.88
C PHE A 26 -4.63 -8.01 1.56
N ALA A 27 -3.42 -7.61 1.95
CA ALA A 27 -3.22 -6.28 2.52
C ALA A 27 -3.60 -5.18 1.53
N ASP A 28 -3.49 -5.46 0.23
CA ASP A 28 -3.84 -4.46 -0.76
C ASP A 28 -5.32 -4.14 -0.72
N LYS A 29 -6.15 -5.14 -0.41
CA LYS A 29 -7.60 -4.99 -0.37
C LYS A 29 -8.14 -4.71 1.02
N VAL A 30 -7.62 -5.37 2.05
CA VAL A 30 -8.10 -5.15 3.41
C VAL A 30 -6.91 -4.98 4.35
N PRO A 31 -6.33 -3.78 4.44
CA PRO A 31 -5.10 -3.63 5.24
C PRO A 31 -5.28 -3.92 6.73
N LYS A 32 -6.35 -3.42 7.34
CA LYS A 32 -6.54 -3.63 8.77
C LYS A 32 -6.74 -5.10 9.11
N THR A 33 -7.56 -5.81 8.33
CA THR A 33 -7.82 -7.21 8.63
C THR A 33 -6.59 -8.07 8.35
N ALA A 34 -5.89 -7.79 7.24
CA ALA A 34 -4.68 -8.55 6.92
C ALA A 34 -3.62 -8.35 7.99
N GLU A 35 -3.48 -7.13 8.51
CA GLU A 35 -2.47 -6.87 9.53
C GLU A 35 -2.79 -7.59 10.83
N ASN A 36 -4.09 -7.67 11.18
CA ASN A 36 -4.50 -8.41 12.36
C ASN A 36 -4.03 -9.85 12.30
N PHE A 37 -4.26 -10.50 11.17
CA PHE A 37 -3.88 -11.90 11.03
C PHE A 37 -2.37 -12.05 10.97
N ARG A 38 -1.69 -11.12 10.30
CA ARG A 38 -0.25 -11.17 10.16
C ARG A 38 0.44 -11.12 11.52
N ALA A 39 0.06 -10.14 12.35
CA ALA A 39 0.68 -9.96 13.65
C ALA A 39 0.29 -11.07 14.63
N LEU A 40 -0.94 -11.58 14.54
CA LEU A 40 -1.29 -12.74 15.37
C LEU A 40 -0.52 -13.98 14.96
N SER A 41 -0.03 -14.01 13.71
CA SER A 41 0.77 -15.15 13.26
C SER A 41 2.20 -15.03 13.73
N THR A 42 2.72 -13.81 13.86
CA THR A 42 4.06 -13.60 14.38
C THR A 42 4.09 -13.55 15.90
N GLY A 43 2.95 -13.22 16.53
CA GLY A 43 2.93 -13.00 17.97
C GLY A 43 3.63 -11.75 18.42
N GLU A 44 4.00 -10.87 17.49
CA GLU A 44 4.87 -9.74 17.78
C GLU A 44 4.22 -8.71 18.69
N LYS A 45 2.92 -8.82 18.96
CA LYS A 45 2.24 -7.95 19.91
C LYS A 45 2.17 -8.56 21.31
N GLY A 46 2.79 -9.73 21.52
CA GLY A 46 2.76 -10.40 22.80
C GLY A 46 1.76 -11.51 22.93
N PHE A 47 0.98 -11.77 21.87
CA PHE A 47 -0.03 -12.82 21.85
C PHE A 47 -0.35 -13.15 20.40
N GLY A 48 -0.85 -14.36 20.18
CA GLY A 48 -1.22 -14.74 18.84
C GLY A 48 -1.60 -16.21 18.74
N TYR A 49 -1.46 -16.74 17.53
CA TYR A 49 -2.06 -18.02 17.16
C TYR A 49 -1.26 -19.22 17.64
N LYS A 50 0.02 -19.05 17.96
CA LYS A 50 0.88 -20.17 18.28
C LYS A 50 0.32 -20.99 19.44
N GLY A 51 0.22 -22.30 19.24
CA GLY A 51 -0.30 -23.19 20.25
C GLY A 51 -1.80 -23.41 20.22
N SER A 52 -2.56 -22.47 19.66
CA SER A 52 -4.00 -22.64 19.55
C SER A 52 -4.34 -23.79 18.61
N CYS A 53 -5.58 -24.24 18.69
CA CYS A 53 -6.05 -25.37 17.91
C CYS A 53 -7.18 -24.96 16.98
N PHE A 54 -7.41 -25.79 15.96
CA PHE A 54 -8.61 -25.71 15.13
C PHE A 54 -9.72 -26.50 15.84
N HIS A 55 -10.66 -25.78 16.44
CA HIS A 55 -11.62 -26.37 17.35
C HIS A 55 -12.92 -26.80 16.66
N ARG A 56 -13.16 -26.33 15.44
CA ARG A 56 -14.34 -26.74 14.69
C ARG A 56 -13.95 -27.01 13.25
N ILE A 57 -14.13 -28.24 12.81
CA ILE A 57 -13.79 -28.66 11.45
C ILE A 57 -14.98 -29.43 10.87
N ILE A 58 -15.55 -28.91 9.83
CA ILE A 58 -16.74 -29.50 9.18
C ILE A 58 -16.36 -29.88 7.74
N PRO A 59 -16.17 -31.16 7.47
CA PRO A 59 -15.83 -31.58 6.10
C PRO A 59 -16.83 -31.05 5.08
N GLY A 60 -16.30 -30.57 3.96
CA GLY A 60 -17.09 -29.92 2.95
C GLY A 60 -17.42 -28.47 3.22
N PHE A 61 -16.90 -27.91 4.32
CA PHE A 61 -17.22 -26.55 4.70
C PHE A 61 -15.95 -25.75 4.96
N MET A 62 -15.38 -25.89 6.16
CA MET A 62 -14.26 -25.03 6.55
C MET A 62 -13.55 -25.62 7.75
N CYS A 63 -12.35 -25.08 8.00
CA CYS A 63 -11.56 -25.38 9.20
C CYS A 63 -11.40 -24.09 10.01
N GLN A 64 -11.99 -24.07 11.20
CA GLN A 64 -12.06 -22.87 12.04
C GLN A 64 -11.05 -22.93 13.17
N GLY A 65 -10.45 -21.78 13.47
CA GLY A 65 -9.54 -21.67 14.60
C GLY A 65 -9.43 -20.24 15.09
N GLY A 66 -8.41 -19.94 15.89
CA GLY A 66 -8.09 -18.58 16.25
C GLY A 66 -8.36 -18.19 17.69
N ASP A 67 -9.02 -19.06 18.47
CA ASP A 67 -9.29 -18.78 19.88
C ASP A 67 -8.08 -19.23 20.68
N PHE A 68 -7.17 -18.29 20.95
CA PHE A 68 -5.97 -18.55 21.72
C PHE A 68 -6.07 -18.07 23.16
N THR A 69 -7.25 -17.62 23.60
CA THR A 69 -7.41 -17.09 24.96
C THR A 69 -8.13 -18.08 25.87
N ARG A 70 -9.36 -18.45 25.53
CA ARG A 70 -10.07 -19.48 26.27
C ARG A 70 -9.93 -20.87 25.64
N HIS A 71 -9.64 -20.93 24.34
CA HIS A 71 -9.34 -22.16 23.62
C HIS A 71 -10.58 -23.03 23.42
N ASN A 72 -11.72 -22.65 24.01
CA ASN A 72 -12.94 -23.41 23.84
C ASN A 72 -13.75 -23.00 22.62
N GLY A 73 -13.28 -22.02 21.86
CA GLY A 73 -13.99 -21.55 20.69
C GLY A 73 -14.93 -20.39 20.93
N THR A 74 -14.87 -19.75 22.11
CA THR A 74 -15.64 -18.55 22.39
C THR A 74 -14.76 -17.32 22.57
N GLY A 75 -13.46 -17.49 22.69
CA GLY A 75 -12.53 -16.42 23.01
C GLY A 75 -11.79 -15.90 21.80
N GLY A 76 -10.61 -15.37 22.04
CA GLY A 76 -9.82 -14.71 21.01
C GLY A 76 -9.97 -13.20 21.08
N LYS A 77 -8.95 -12.50 20.56
CA LYS A 77 -8.98 -11.05 20.53
C LYS A 77 -8.09 -10.55 19.41
N SER A 78 -8.47 -9.42 18.83
CA SER A 78 -7.68 -8.81 17.78
C SER A 78 -6.54 -7.98 18.38
N ILE A 79 -5.68 -7.45 17.50
CA ILE A 79 -4.58 -6.60 17.95
C ILE A 79 -5.04 -5.18 18.24
N TYR A 80 -6.31 -4.88 18.00
CA TYR A 80 -6.84 -3.52 18.16
C TYR A 80 -7.65 -3.37 19.43
N GLY A 81 -7.82 -4.43 20.19
CA GLY A 81 -8.72 -4.51 21.32
C GLY A 81 -9.28 -5.92 21.41
N GLU A 82 -10.61 -6.01 21.57
CA GLU A 82 -11.27 -7.31 21.49
C GLU A 82 -12.09 -7.49 20.22
N LYS A 83 -12.48 -6.41 19.55
CA LYS A 83 -13.21 -6.51 18.29
CA LYS A 83 -13.22 -6.50 18.29
C LYS A 83 -12.97 -5.26 17.46
N PHE A 84 -13.06 -5.42 16.14
CA PHE A 84 -12.90 -4.30 15.21
C PHE A 84 -13.90 -4.44 14.07
N GLU A 85 -14.19 -3.31 13.43
CA GLU A 85 -15.28 -3.27 12.47
C GLU A 85 -14.97 -4.11 11.22
N ASP A 86 -16.03 -4.44 10.49
CA ASP A 86 -15.90 -5.05 9.17
C ASP A 86 -15.24 -4.05 8.24
N GLU A 87 -14.00 -4.33 7.82
CA GLU A 87 -13.25 -3.40 7.01
C GLU A 87 -13.95 -3.13 5.68
N ASN A 88 -14.23 -4.17 4.91
CA ASN A 88 -15.05 -4.09 3.72
C ASN A 88 -15.43 -5.51 3.33
N PHE A 89 -16.21 -5.63 2.26
CA PHE A 89 -16.63 -6.92 1.74
C PHE A 89 -16.30 -7.04 0.26
N ILE A 90 -15.15 -6.49 -0.14
CA ILE A 90 -14.76 -6.47 -1.54
C ILE A 90 -14.50 -7.90 -2.05
N LEU A 91 -13.60 -8.61 -1.38
CA LEU A 91 -13.23 -9.95 -1.80
C LEU A 91 -14.29 -10.95 -1.37
N LYS A 92 -14.48 -11.98 -2.19
CA LYS A 92 -15.58 -12.92 -2.07
C LYS A 92 -15.07 -14.31 -1.70
N HIS A 93 -16.00 -15.15 -1.23
CA HIS A 93 -15.72 -16.54 -0.91
C HIS A 93 -15.86 -17.34 -2.20
N THR A 94 -14.76 -17.44 -2.94
CA THR A 94 -14.79 -17.95 -4.31
C THR A 94 -14.55 -19.45 -4.41
N GLY A 95 -13.95 -20.08 -3.39
CA GLY A 95 -13.70 -21.50 -3.43
C GLY A 95 -12.83 -21.97 -2.29
N PRO A 96 -12.34 -23.22 -2.38
CA PRO A 96 -11.46 -23.73 -1.32
C PRO A 96 -10.21 -22.89 -1.17
N GLY A 97 -9.73 -22.80 0.07
CA GLY A 97 -8.56 -22.03 0.40
C GLY A 97 -8.84 -20.62 0.86
N ILE A 98 -10.06 -20.12 0.70
CA ILE A 98 -10.38 -18.76 1.08
C ILE A 98 -10.29 -18.59 2.59
N LEU A 99 -9.68 -17.49 3.01
CA LEU A 99 -9.45 -17.18 4.41
C LEU A 99 -10.41 -16.07 4.82
N SER A 100 -11.32 -16.37 5.75
CA SER A 100 -12.40 -15.45 6.10
C SER A 100 -12.52 -15.32 7.61
N MET A 101 -13.09 -14.19 8.05
CA MET A 101 -13.23 -13.88 9.47
C MET A 101 -14.57 -14.38 9.99
N ALA A 102 -14.51 -15.11 11.10
CA ALA A 102 -15.70 -15.45 11.87
C ALA A 102 -16.12 -14.26 12.73
N ASN A 103 -17.42 -14.16 13.03
CA ASN A 103 -17.90 -13.06 13.85
C ASN A 103 -19.24 -13.45 14.47
N ALA A 104 -19.79 -12.53 15.26
CA ALA A 104 -21.08 -12.69 15.93
C ALA A 104 -22.04 -11.58 15.55
N GLY A 105 -21.94 -11.08 14.33
CA GLY A 105 -22.69 -9.92 13.88
C GLY A 105 -21.76 -8.92 13.24
N PRO A 106 -22.32 -7.87 12.65
CA PRO A 106 -21.48 -6.85 11.99
C PRO A 106 -20.60 -6.14 13.01
N ASN A 107 -19.33 -5.95 12.62
CA ASN A 107 -18.34 -5.21 13.42
C ASN A 107 -18.00 -5.94 14.72
N THR A 108 -17.82 -7.26 14.63
CA THR A 108 -17.43 -8.08 15.78
C THR A 108 -16.27 -9.00 15.41
N ASN A 109 -15.34 -8.50 14.60
CA ASN A 109 -14.19 -9.30 14.18
C ASN A 109 -13.16 -9.37 15.30
N GLY A 110 -12.72 -10.58 15.63
CA GLY A 110 -11.73 -10.70 16.68
C GLY A 110 -10.44 -11.29 16.18
N SER A 111 -10.17 -12.54 16.59
CA SER A 111 -9.07 -13.31 16.04
C SER A 111 -9.51 -14.61 15.39
N GLN A 112 -10.74 -15.07 15.65
CA GLN A 112 -11.20 -16.33 15.07
C GLN A 112 -11.38 -16.19 13.56
N PHE A 113 -10.99 -17.24 12.84
CA PHE A 113 -10.97 -17.24 11.39
C PHE A 113 -11.37 -18.63 10.92
N PHE A 114 -11.64 -18.75 9.62
CA PHE A 114 -11.83 -20.08 9.05
C PHE A 114 -11.24 -20.15 7.65
N ILE A 115 -10.77 -21.35 7.31
CA ILE A 115 -10.25 -21.67 5.99
C ILE A 115 -11.32 -22.46 5.27
N CYS A 116 -11.84 -21.90 4.17
CA CYS A 116 -12.86 -22.59 3.40
C CYS A 116 -12.26 -23.79 2.66
N THR A 117 -13.01 -24.90 2.65
CA THR A 117 -12.69 -26.05 1.81
C THR A 117 -13.70 -26.22 0.68
N ALA A 118 -14.54 -25.22 0.44
CA ALA A 118 -15.53 -25.24 -0.64
C ALA A 118 -15.90 -23.80 -0.96
N LYS A 119 -16.70 -23.62 -2.00
CA LYS A 119 -17.28 -22.32 -2.29
C LYS A 119 -18.42 -22.05 -1.31
N THR A 120 -18.40 -20.86 -0.69
CA THR A 120 -19.40 -20.48 0.30
C THR A 120 -19.89 -19.06 -0.02
N GLU A 121 -20.60 -18.94 -1.14
CA GLU A 121 -21.05 -17.62 -1.58
C GLU A 121 -22.07 -17.02 -0.62
N TRP A 122 -22.84 -17.88 0.07
CA TRP A 122 -23.81 -17.43 1.05
C TRP A 122 -23.16 -16.77 2.27
N LEU A 123 -21.83 -16.65 2.31
CA LEU A 123 -21.13 -15.90 3.33
C LEU A 123 -20.72 -14.51 2.85
N ASP A 124 -20.88 -14.22 1.56
CA ASP A 124 -20.56 -12.92 1.02
C ASP A 124 -21.38 -11.84 1.71
N GLY A 125 -20.71 -10.76 2.12
CA GLY A 125 -21.36 -9.61 2.71
C GLY A 125 -21.50 -9.63 4.22
N LYS A 126 -21.25 -10.79 4.85
CA LYS A 126 -21.31 -10.92 6.30
C LYS A 126 -19.97 -11.22 6.95
N HIS A 127 -19.06 -11.88 6.23
CA HIS A 127 -17.75 -12.25 6.75
C HIS A 127 -16.68 -11.74 5.80
N VAL A 128 -15.64 -11.14 6.37
CA VAL A 128 -14.62 -10.42 5.61
C VAL A 128 -13.55 -11.39 5.13
N VAL A 129 -13.44 -11.56 3.81
CA VAL A 129 -12.36 -12.32 3.21
C VAL A 129 -11.09 -11.45 3.21
N PHE A 130 -9.99 -12.03 3.68
CA PHE A 130 -8.73 -11.30 3.81
C PHE A 130 -7.51 -12.07 3.35
N GLY A 131 -7.64 -13.34 2.97
CA GLY A 131 -6.47 -14.08 2.54
C GLY A 131 -6.87 -15.34 1.80
N LYS A 132 -5.84 -16.11 1.42
CA LYS A 132 -6.08 -17.31 0.64
C LYS A 132 -4.90 -18.25 0.79
N VAL A 133 -5.19 -19.55 0.83
CA VAL A 133 -4.13 -20.55 0.91
C VAL A 133 -3.22 -20.43 -0.31
N LYS A 134 -1.94 -20.13 -0.07
CA LYS A 134 -0.94 -20.11 -1.13
C LYS A 134 -0.46 -21.53 -1.45
N GLU A 135 0.05 -22.22 -0.44
CA GLU A 135 0.53 -23.58 -0.60
C GLU A 135 0.15 -24.39 0.63
N GLY A 136 0.21 -25.72 0.50
CA GLY A 136 -0.19 -26.59 1.57
C GLY A 136 -1.68 -26.86 1.65
N MET A 137 -2.42 -26.66 0.56
CA MET A 137 -3.85 -26.95 0.60
C MET A 137 -4.11 -28.43 0.79
N ASN A 138 -3.17 -29.29 0.38
CA ASN A 138 -3.28 -30.71 0.67
C ASN A 138 -3.17 -30.98 2.17
N ILE A 139 -2.49 -30.09 2.90
CA ILE A 139 -2.45 -30.21 4.37
C ILE A 139 -3.78 -29.82 4.97
N VAL A 140 -4.42 -28.78 4.43
CA VAL A 140 -5.76 -28.41 4.90
C VAL A 140 -6.74 -29.52 4.61
N GLU A 141 -6.60 -30.19 3.46
CA GLU A 141 -7.48 -31.30 3.13
C GLU A 141 -7.33 -32.44 4.13
N ALA A 142 -6.12 -32.66 4.64
CA ALA A 142 -5.93 -33.71 5.64
C ALA A 142 -6.52 -33.32 6.98
N MET A 143 -6.42 -32.04 7.35
CA MET A 143 -7.09 -31.55 8.56
C MET A 143 -8.58 -31.79 8.48
N GLU A 144 -9.16 -31.67 7.28
CA GLU A 144 -10.59 -31.86 7.09
C GLU A 144 -11.04 -33.25 7.50
N ARG A 145 -10.17 -34.25 7.33
CA ARG A 145 -10.53 -35.63 7.62
C ARG A 145 -10.61 -35.92 9.11
N PHE A 146 -10.11 -35.02 9.95
CA PHE A 146 -10.27 -35.12 11.40
C PHE A 146 -11.53 -34.42 11.90
N GLY A 147 -12.29 -33.78 11.02
CA GLY A 147 -13.51 -33.10 11.41
C GLY A 147 -14.71 -34.03 11.46
N SER A 148 -15.85 -33.44 11.81
CA SER A 148 -17.11 -34.17 11.85
C SER A 148 -18.23 -33.22 11.40
N ARG A 149 -19.47 -33.72 11.47
CA ARG A 149 -20.59 -32.96 10.94
C ARG A 149 -21.01 -31.80 11.85
N ASN A 150 -20.67 -31.86 13.14
CA ASN A 150 -20.89 -30.74 14.04
C ASN A 150 -19.61 -29.99 14.36
N GLY A 151 -18.50 -30.32 13.70
CA GLY A 151 -17.26 -29.61 13.85
C GLY A 151 -16.30 -30.21 14.85
N LYS A 152 -16.77 -31.12 15.70
CA LYS A 152 -15.88 -31.77 16.66
C LYS A 152 -14.76 -32.49 15.91
N THR A 153 -13.55 -32.32 16.41
CA THR A 153 -12.38 -32.98 15.84
C THR A 153 -12.09 -34.26 16.60
N SER A 154 -11.55 -35.25 15.87
CA SER A 154 -11.21 -36.54 16.45
C SER A 154 -9.78 -36.58 17.01
N LYS A 155 -8.97 -35.55 16.76
CA LYS A 155 -7.68 -35.38 17.40
C LYS A 155 -7.41 -33.89 17.57
N LYS A 156 -6.36 -33.57 18.32
CA LYS A 156 -6.00 -32.18 18.56
C LYS A 156 -5.27 -31.63 17.34
N ILE A 157 -5.95 -30.77 16.59
CA ILE A 157 -5.37 -30.09 15.43
C ILE A 157 -4.89 -28.72 15.90
N THR A 158 -3.59 -28.59 16.13
CA THR A 158 -3.02 -27.38 16.71
C THR A 158 -2.06 -26.69 15.74
N ILE A 159 -1.91 -25.38 15.92
CA ILE A 159 -0.90 -24.60 15.20
C ILE A 159 0.37 -24.70 16.03
N ALA A 160 1.20 -25.71 15.72
CA ALA A 160 2.40 -25.94 16.51
C ALA A 160 3.42 -24.81 16.32
N ASP A 161 3.44 -24.19 15.15
CA ASP A 161 4.29 -23.04 14.89
C ASP A 161 3.64 -22.18 13.82
N CYS A 162 3.95 -20.88 13.87
CA CYS A 162 3.44 -19.95 12.87
C CYS A 162 4.36 -18.75 12.80
N GLY A 163 4.24 -18.01 11.71
CA GLY A 163 5.11 -16.88 11.48
C GLY A 163 4.89 -16.30 10.10
N GLN A 164 5.83 -15.47 9.69
CA GLN A 164 5.75 -14.72 8.44
C GLN A 164 6.90 -15.10 7.52
N LEU A 165 6.58 -15.33 6.25
CA LEU A 165 7.58 -15.68 5.24
C LEU A 165 7.96 -14.52 4.35
N GLU A 166 7.08 -13.53 4.20
CA GLU A 166 7.27 -12.46 3.22
C GLU A 166 6.34 -11.28 3.54
N MET B 2 18.83 -12.23 -33.29
CA MET B 2 20.00 -11.89 -32.50
C MET B 2 19.99 -10.42 -32.11
N VAL B 3 19.26 -9.63 -32.90
CA VAL B 3 19.15 -8.19 -32.67
C VAL B 3 17.75 -7.88 -32.17
N ASN B 4 17.68 -7.09 -31.11
CA ASN B 4 16.39 -6.69 -30.57
C ASN B 4 15.67 -5.80 -31.58
N PRO B 5 14.35 -5.93 -31.72
CA PRO B 5 13.62 -5.00 -32.60
C PRO B 5 13.65 -3.58 -32.09
N THR B 6 13.59 -2.64 -33.02
CA THR B 6 13.43 -1.22 -32.73
C THR B 6 12.13 -0.75 -33.39
N VAL B 7 11.37 0.08 -32.70
CA VAL B 7 10.16 0.64 -33.27
C VAL B 7 10.20 2.14 -33.05
N PHE B 8 9.42 2.86 -33.87
CA PHE B 8 9.40 4.31 -33.82
C PHE B 8 7.98 4.83 -33.77
N PHE B 9 7.80 5.97 -33.12
CA PHE B 9 6.57 6.75 -33.17
C PHE B 9 6.90 8.09 -33.79
N ASP B 10 6.03 8.56 -34.68
CA ASP B 10 6.04 9.95 -35.14
C ASP B 10 4.92 10.67 -34.40
N ILE B 11 5.30 11.55 -33.46
CA ILE B 11 4.34 12.21 -32.59
C ILE B 11 3.84 13.49 -33.26
N ALA B 12 2.56 13.79 -33.05
CA ALA B 12 1.94 14.98 -33.61
C ALA B 12 1.14 15.72 -32.55
N VAL B 13 1.16 17.04 -32.60
CA VAL B 13 0.41 17.90 -31.70
C VAL B 13 -0.67 18.59 -32.52
N ASP B 14 -1.93 18.21 -32.28
CA ASP B 14 -3.08 18.73 -33.04
C ASP B 14 -2.85 18.57 -34.54
N GLY B 15 -2.16 17.51 -34.95
CA GLY B 15 -1.91 17.23 -36.34
C GLY B 15 -0.59 17.77 -36.86
N GLU B 16 0.06 18.65 -36.10
CA GLU B 16 1.35 19.20 -36.48
C GLU B 16 2.48 18.28 -36.01
N PRO B 17 3.45 18.00 -36.87
CA PRO B 17 4.52 17.05 -36.50
C PRO B 17 5.41 17.61 -35.42
N LEU B 18 5.67 16.80 -34.39
CA LEU B 18 6.55 17.17 -33.29
C LEU B 18 7.92 16.50 -33.37
N GLY B 19 7.95 15.20 -33.60
CA GLY B 19 9.22 14.51 -33.76
C GLY B 19 9.05 13.01 -33.62
N ARG B 20 10.16 12.32 -33.79
CA ARG B 20 10.21 10.86 -33.83
C ARG B 20 10.82 10.31 -32.55
N VAL B 21 10.13 9.36 -31.92
CA VAL B 21 10.67 8.61 -30.79
C VAL B 21 10.86 7.16 -31.24
N SER B 22 12.04 6.61 -30.98
CA SER B 22 12.34 5.23 -31.29
C SER B 22 12.60 4.47 -29.99
N PHE B 23 12.14 3.21 -29.95
CA PHE B 23 12.25 2.38 -28.77
C PHE B 23 13.00 1.11 -29.12
N GLU B 24 13.97 0.74 -28.28
CA GLU B 24 14.41 -0.65 -28.27
C GLU B 24 13.38 -1.46 -27.51
N LEU B 25 13.09 -2.66 -28.02
CA LEU B 25 12.17 -3.60 -27.38
C LEU B 25 12.98 -4.82 -26.98
N PHE B 26 13.05 -5.09 -25.67
CA PHE B 26 13.93 -6.11 -25.12
C PHE B 26 13.33 -7.50 -25.34
N ALA B 27 13.28 -7.88 -26.62
CA ALA B 27 12.76 -9.20 -26.99
C ALA B 27 13.59 -10.33 -26.39
N ASP B 28 14.86 -10.07 -26.09
CA ASP B 28 15.70 -11.11 -25.51
C ASP B 28 15.24 -11.48 -24.10
N LYS B 29 14.64 -10.53 -23.38
CA LYS B 29 14.20 -10.73 -22.01
C LYS B 29 12.71 -11.07 -21.93
N VAL B 30 11.88 -10.37 -22.70
CA VAL B 30 10.42 -10.57 -22.65
C VAL B 30 9.90 -10.70 -24.08
N PRO B 31 10.15 -11.82 -24.76
CA PRO B 31 9.76 -11.92 -26.17
C PRO B 31 8.26 -11.75 -26.40
N LYS B 32 7.42 -12.30 -25.52
CA LYS B 32 5.97 -12.19 -25.75
C LYS B 32 5.50 -10.75 -25.62
N THR B 33 6.01 -10.02 -24.62
CA THR B 33 5.59 -8.63 -24.43
C THR B 33 6.20 -7.72 -25.48
N ALA B 34 7.45 -7.98 -25.87
CA ALA B 34 8.07 -7.18 -26.92
C ALA B 34 7.33 -7.36 -28.23
N GLU B 35 6.91 -8.60 -28.53
CA GLU B 35 6.24 -8.88 -29.79
C GLU B 35 4.89 -8.21 -29.86
N ASN B 36 4.18 -8.14 -28.73
CA ASN B 36 2.89 -7.44 -28.71
C ASN B 36 3.07 -5.98 -29.10
N PHE B 37 4.08 -5.31 -28.54
CA PHE B 37 4.29 -3.91 -28.84
C PHE B 37 4.84 -3.71 -30.25
N ARG B 38 5.66 -4.64 -30.74
CA ARG B 38 6.22 -4.53 -32.07
C ARG B 38 5.13 -4.66 -33.14
N ALA B 39 4.30 -5.70 -33.01
CA ALA B 39 3.28 -5.93 -34.02
C ALA B 39 2.23 -4.82 -34.02
N LEU B 40 1.88 -4.32 -32.83
CA LEU B 40 0.98 -3.17 -32.76
C LEU B 40 1.64 -1.93 -33.35
N SER B 41 2.96 -1.81 -33.24
CA SER B 41 3.64 -0.65 -33.81
C SER B 41 3.65 -0.69 -35.34
N THR B 42 3.65 -1.89 -35.93
CA THR B 42 3.61 -2.04 -37.38
C THR B 42 2.20 -2.19 -37.92
N GLY B 43 1.24 -2.55 -37.08
CA GLY B 43 -0.12 -2.78 -37.53
C GLY B 43 -0.30 -3.99 -38.41
N GLU B 44 0.68 -4.89 -38.47
CA GLU B 44 0.66 -6.02 -39.39
C GLU B 44 -0.41 -7.05 -39.03
N LYS B 45 -1.00 -6.98 -37.84
CA LYS B 45 -2.15 -7.84 -37.55
C LYS B 45 -3.46 -7.26 -38.03
N GLY B 46 -3.46 -6.02 -38.53
CA GLY B 46 -4.68 -5.38 -38.97
C GLY B 46 -5.24 -4.35 -38.04
N PHE B 47 -4.49 -3.94 -37.02
CA PHE B 47 -4.90 -2.95 -36.03
C PHE B 47 -3.66 -2.61 -35.23
N GLY B 48 -3.70 -1.45 -34.57
CA GLY B 48 -2.54 -1.09 -33.76
C GLY B 48 -2.58 0.37 -33.33
N TYR B 49 -1.39 0.89 -33.05
CA TYR B 49 -1.17 2.19 -32.42
C TYR B 49 -1.31 3.37 -33.37
N LYS B 50 -1.29 3.16 -34.69
CA LYS B 50 -1.26 4.28 -35.62
C LYS B 50 -2.52 5.13 -35.47
N GLY B 51 -2.33 6.44 -35.22
CA GLY B 51 -3.42 7.36 -35.07
C GLY B 51 -4.03 7.42 -33.69
N SER B 52 -3.61 6.56 -32.77
CA SER B 52 -4.06 6.67 -31.40
C SER B 52 -3.33 7.82 -30.71
N CYS B 53 -3.82 8.16 -29.52
CA CYS B 53 -3.33 9.33 -28.81
C CYS B 53 -2.72 8.94 -27.47
N PHE B 54 -1.89 9.84 -26.96
CA PHE B 54 -1.38 9.75 -25.59
C PHE B 54 -2.38 10.49 -24.71
N HIS B 55 -3.25 9.72 -24.05
CA HIS B 55 -4.42 10.28 -23.39
C HIS B 55 -4.16 10.77 -21.97
N ARG B 56 -3.04 10.37 -21.35
CA ARG B 56 -2.71 10.79 -20.00
C ARG B 56 -1.21 11.05 -19.90
N ILE B 57 -0.85 12.31 -19.64
CA ILE B 57 0.54 12.72 -19.52
C ILE B 57 0.69 13.47 -18.20
N ILE B 58 1.40 12.88 -17.26
CA ILE B 58 1.63 13.45 -15.94
C ILE B 58 3.08 13.92 -15.88
N PRO B 59 3.35 15.22 -15.89
CA PRO B 59 4.74 15.70 -15.81
C PRO B 59 5.43 15.20 -14.56
N GLY B 60 6.67 14.74 -14.74
CA GLY B 60 7.46 14.21 -13.65
C GLY B 60 7.12 12.75 -13.38
N PHE B 61 6.22 12.18 -14.17
CA PHE B 61 5.83 10.80 -13.98
C PHE B 61 5.93 9.93 -15.23
N MET B 62 4.93 10.03 -16.11
CA MET B 62 4.85 9.16 -17.27
C MET B 62 3.90 9.67 -18.36
N CYS B 63 4.16 9.24 -19.58
CA CYS B 63 3.31 9.47 -20.74
C CYS B 63 2.65 8.16 -21.14
N GLN B 64 1.31 8.15 -21.15
CA GLN B 64 0.53 6.92 -21.33
C GLN B 64 -0.24 6.95 -22.64
N GLY B 65 -0.17 5.86 -23.40
CA GLY B 65 -0.93 5.73 -24.62
C GLY B 65 -1.38 4.29 -24.83
N GLY B 66 -1.81 3.94 -26.04
CA GLY B 66 -2.06 2.56 -26.39
C GLY B 66 -3.52 2.15 -26.47
N ASP B 67 -4.45 3.02 -26.08
CA ASP B 67 -5.87 2.72 -26.15
C ASP B 67 -6.38 3.10 -27.53
N PHE B 68 -6.14 2.23 -28.50
CA PHE B 68 -6.53 2.49 -29.87
C PHE B 68 -7.95 2.06 -30.18
N THR B 69 -8.67 1.47 -29.23
CA THR B 69 -10.05 1.08 -29.44
C THR B 69 -11.05 2.04 -28.82
N ARG B 70 -10.66 2.77 -27.77
CA ARG B 70 -11.58 3.68 -27.10
C ARG B 70 -10.97 5.03 -26.72
N HIS B 71 -9.65 5.18 -26.80
CA HIS B 71 -8.93 6.46 -26.76
C HIS B 71 -9.04 7.19 -25.43
N ASN B 72 -9.67 6.61 -24.41
CA ASN B 72 -9.85 7.29 -23.13
C ASN B 72 -9.24 6.51 -21.97
N GLY B 73 -8.44 5.49 -22.26
CA GLY B 73 -7.76 4.73 -21.23
C GLY B 73 -8.50 3.51 -20.72
N THR B 74 -9.71 3.24 -21.23
CA THR B 74 -10.51 2.09 -20.83
C THR B 74 -10.42 0.94 -21.83
N GLY B 75 -9.67 1.08 -22.92
CA GLY B 75 -9.68 0.10 -23.96
C GLY B 75 -8.29 -0.39 -24.30
N GLY B 76 -8.13 -0.80 -25.55
CA GLY B 76 -6.94 -1.45 -26.05
C GLY B 76 -7.09 -2.96 -26.06
N LYS B 77 -6.32 -3.61 -26.94
CA LYS B 77 -6.33 -5.07 -27.00
C LYS B 77 -4.97 -5.55 -27.48
N SER B 78 -4.54 -6.70 -26.97
CA SER B 78 -3.27 -7.28 -27.37
C SER B 78 -3.45 -8.02 -28.70
N ILE B 79 -2.34 -8.52 -29.23
CA ILE B 79 -2.38 -9.32 -30.45
C ILE B 79 -2.75 -10.77 -30.19
N TYR B 80 -2.86 -11.16 -28.92
CA TYR B 80 -3.13 -12.52 -28.50
C TYR B 80 -4.59 -12.76 -28.17
N GLY B 81 -5.48 -11.90 -28.65
CA GLY B 81 -6.85 -11.92 -28.18
C GLY B 81 -7.14 -10.69 -27.34
N GLU B 82 -7.49 -10.90 -26.06
CA GLU B 82 -7.80 -9.75 -25.20
C GLU B 82 -6.64 -9.43 -24.25
N LYS B 83 -6.45 -10.25 -23.21
CA LYS B 83 -5.45 -9.97 -22.18
C LYS B 83 -4.45 -11.11 -22.12
N PHE B 84 -3.19 -10.77 -21.80
CA PHE B 84 -2.15 -11.78 -21.66
C PHE B 84 -1.37 -11.56 -20.37
N GLU B 85 -0.76 -12.65 -19.90
CA GLU B 85 -0.19 -12.74 -18.56
C GLU B 85 1.10 -11.92 -18.43
N ASP B 86 1.47 -11.65 -17.18
CA ASP B 86 2.75 -11.01 -16.89
C ASP B 86 3.86 -11.98 -17.22
N GLU B 87 4.66 -11.64 -18.25
CA GLU B 87 5.70 -12.55 -18.71
C GLU B 87 6.76 -12.79 -17.63
N ASN B 88 7.38 -11.70 -17.16
CA ASN B 88 8.30 -11.77 -16.04
C ASN B 88 8.55 -10.34 -15.56
N PHE B 89 9.26 -10.22 -14.44
CA PHE B 89 9.65 -8.92 -13.91
C PHE B 89 11.17 -8.77 -13.83
N ILE B 90 11.87 -9.33 -14.82
CA ILE B 90 13.34 -9.26 -14.82
C ILE B 90 13.81 -7.82 -14.84
N LEU B 91 13.28 -7.03 -15.78
CA LEU B 91 13.73 -5.66 -15.99
C LEU B 91 12.95 -4.69 -15.09
N LYS B 92 13.64 -3.61 -14.71
CA LYS B 92 13.16 -2.69 -13.68
C LYS B 92 13.01 -1.29 -14.24
N HIS B 93 12.13 -0.52 -13.59
CA HIS B 93 11.89 0.88 -13.95
C HIS B 93 13.05 1.72 -13.43
N THR B 94 14.09 1.83 -14.25
CA THR B 94 15.36 2.40 -13.81
C THR B 94 15.43 3.91 -13.95
N GLY B 95 14.70 4.50 -14.89
CA GLY B 95 14.71 5.93 -15.06
C GLY B 95 13.89 6.38 -16.24
N PRO B 96 14.12 7.61 -16.69
CA PRO B 96 13.38 8.13 -17.85
C PRO B 96 13.59 7.28 -19.09
N GLY B 97 12.56 7.21 -19.92
CA GLY B 97 12.61 6.44 -21.14
C GLY B 97 12.14 5.01 -21.03
N ILE B 98 11.97 4.51 -19.80
CA ILE B 98 11.53 3.12 -19.62
C ILE B 98 10.13 2.95 -20.19
N LEU B 99 9.95 1.87 -20.94
CA LEU B 99 8.68 1.51 -21.56
C LEU B 99 8.08 0.34 -20.79
N SER B 100 6.88 0.54 -20.26
CA SER B 100 6.28 -0.43 -19.36
C SER B 100 4.79 -0.55 -19.63
N MET B 101 4.24 -1.70 -19.27
CA MET B 101 2.85 -2.03 -19.55
C MET B 101 1.93 -1.56 -18.43
N ALA B 102 0.91 -0.79 -18.80
CA ALA B 102 -0.20 -0.56 -17.88
C ALA B 102 -1.01 -1.85 -17.71
N ASN B 103 -1.68 -1.97 -16.57
CA ASN B 103 -2.56 -3.09 -16.31
C ASN B 103 -3.58 -2.71 -15.24
N ALA B 104 -4.49 -3.66 -14.95
CA ALA B 104 -5.54 -3.52 -13.94
C ALA B 104 -5.41 -4.60 -12.87
N GLY B 105 -4.20 -5.09 -12.65
CA GLY B 105 -3.96 -6.21 -11.77
C GLY B 105 -3.03 -7.21 -12.44
N PRO B 106 -2.68 -8.28 -11.72
CA PRO B 106 -1.85 -9.33 -12.34
C PRO B 106 -2.50 -9.93 -13.57
N ASN B 107 -1.71 -10.06 -14.64
CA ASN B 107 -2.11 -10.79 -15.85
C ASN B 107 -3.29 -10.13 -16.55
N THR B 108 -3.22 -8.80 -16.70
CA THR B 108 -4.23 -8.07 -17.45
C THR B 108 -3.57 -7.13 -18.45
N ASN B 109 -2.46 -7.54 -19.06
CA ASN B 109 -1.81 -6.70 -20.05
C ASN B 109 -2.63 -6.69 -21.32
N GLY B 110 -2.78 -5.51 -21.91
CA GLY B 110 -3.42 -5.40 -23.20
C GLY B 110 -2.53 -4.73 -24.22
N SER B 111 -2.88 -3.51 -24.61
CA SER B 111 -2.03 -2.67 -25.44
C SER B 111 -1.61 -1.37 -24.78
N GLN B 112 -2.27 -0.95 -23.71
CA GLN B 112 -1.91 0.29 -23.05
C GLN B 112 -0.52 0.17 -22.45
N PHE B 113 0.23 1.27 -22.51
CA PHE B 113 1.62 1.31 -22.10
C PHE B 113 1.90 2.70 -21.57
N PHE B 114 3.10 2.86 -21.01
CA PHE B 114 3.51 4.20 -20.60
C PHE B 114 5.02 4.33 -20.64
N ILE B 115 5.46 5.53 -21.00
CA ILE B 115 6.88 5.88 -21.10
C ILE B 115 7.24 6.71 -19.88
N CYS B 116 8.11 6.16 -19.03
CA CYS B 116 8.52 6.84 -17.82
C CYS B 116 9.39 8.04 -18.14
N THR B 117 9.14 9.15 -17.44
CA THR B 117 9.99 10.33 -17.51
C THR B 117 10.75 10.55 -16.20
N ALA B 118 10.75 9.55 -15.31
CA ALA B 118 11.55 9.55 -14.10
C ALA B 118 11.74 8.11 -13.67
N LYS B 119 12.56 7.91 -12.65
CA LYS B 119 12.68 6.60 -12.03
C LYS B 119 11.42 6.28 -11.24
N THR B 120 10.84 5.11 -11.49
CA THR B 120 9.61 4.68 -10.84
C THR B 120 9.84 3.29 -10.24
N GLU B 121 10.71 3.24 -9.23
CA GLU B 121 11.05 1.96 -8.60
C GLU B 121 9.86 1.30 -7.92
N TRP B 122 8.85 2.08 -7.55
CA TRP B 122 7.67 1.55 -6.87
C TRP B 122 6.72 0.82 -7.81
N LEU B 123 7.05 0.73 -9.10
CA LEU B 123 6.28 -0.09 -10.04
C LEU B 123 6.94 -1.43 -10.33
N ASP B 124 8.14 -1.67 -9.79
CA ASP B 124 8.85 -2.91 -10.07
C ASP B 124 8.08 -4.10 -9.50
N GLY B 125 8.03 -5.18 -10.26
CA GLY B 125 7.28 -6.36 -9.88
C GLY B 125 5.79 -6.25 -10.08
N LYS B 126 5.30 -5.10 -10.51
CA LYS B 126 3.88 -4.88 -10.79
C LYS B 126 3.60 -4.64 -12.26
N HIS B 127 4.50 -4.00 -12.99
CA HIS B 127 4.28 -3.66 -14.39
C HIS B 127 5.48 -4.13 -15.19
N VAL B 128 5.23 -4.81 -16.31
CA VAL B 128 6.27 -5.50 -17.05
C VAL B 128 7.07 -4.49 -17.87
N VAL B 129 8.37 -4.40 -17.60
CA VAL B 129 9.27 -3.58 -18.40
C VAL B 129 9.70 -4.39 -19.62
N PHE B 130 9.64 -3.77 -20.79
CA PHE B 130 9.96 -4.47 -22.03
C PHE B 130 10.73 -3.63 -23.04
N GLY B 131 11.05 -2.39 -22.74
CA GLY B 131 11.71 -1.54 -23.70
C GLY B 131 12.24 -0.28 -23.06
N LYS B 132 12.94 0.52 -23.86
CA LYS B 132 13.42 1.81 -23.40
C LYS B 132 13.65 2.70 -24.62
N VAL B 133 13.43 4.00 -24.44
CA VAL B 133 13.59 4.97 -25.52
C VAL B 133 15.03 4.93 -26.02
N LYS B 134 15.20 4.70 -27.32
CA LYS B 134 16.50 4.73 -27.96
C LYS B 134 16.87 6.16 -28.34
N GLU B 135 16.05 6.80 -29.17
CA GLU B 135 16.30 8.14 -29.66
C GLU B 135 15.03 8.97 -29.52
N GLY B 136 15.22 10.28 -29.42
CA GLY B 136 14.08 11.19 -29.31
C GLY B 136 13.50 11.33 -27.92
N MET B 137 14.32 11.17 -26.87
CA MET B 137 13.83 11.42 -25.51
C MET B 137 13.44 12.87 -25.34
N ASN B 138 14.09 13.78 -26.09
CA ASN B 138 13.69 15.17 -26.11
C ASN B 138 12.26 15.34 -26.62
N ILE B 139 11.81 14.45 -27.49
CA ILE B 139 10.43 14.50 -27.95
C ILE B 139 9.48 14.08 -26.83
N VAL B 140 9.88 13.07 -26.06
CA VAL B 140 9.05 12.64 -24.92
C VAL B 140 8.97 13.75 -23.89
N GLU B 141 10.07 14.47 -23.67
CA GLU B 141 10.06 15.62 -22.77
C GLU B 141 9.14 16.72 -23.29
N ALA B 142 9.14 16.96 -24.60
CA ALA B 142 8.25 17.96 -25.16
C ALA B 142 6.79 17.61 -24.95
N MET B 143 6.45 16.32 -25.07
CA MET B 143 5.09 15.85 -24.81
C MET B 143 4.67 16.14 -23.38
N GLU B 144 5.62 16.10 -22.44
CA GLU B 144 5.31 16.28 -21.02
C GLU B 144 4.65 17.62 -20.77
N ARG B 145 5.09 18.66 -21.48
CA ARG B 145 4.58 20.01 -21.22
C ARG B 145 3.15 20.21 -21.67
N PHE B 146 2.57 19.26 -22.41
CA PHE B 146 1.16 19.30 -22.74
C PHE B 146 0.30 18.56 -21.73
N GLY B 147 0.92 18.01 -20.68
CA GLY B 147 0.20 17.27 -19.67
C GLY B 147 -0.23 18.15 -18.51
N SER B 148 -0.73 17.49 -17.47
CA SER B 148 -1.23 18.19 -16.28
C SER B 148 -1.17 17.22 -15.11
N ARG B 149 -1.50 17.74 -13.92
CA ARG B 149 -1.32 16.98 -12.69
C ARG B 149 -2.24 15.77 -12.62
N ASN B 150 -3.43 15.85 -13.23
CA ASN B 150 -4.28 14.68 -13.36
C ASN B 150 -4.06 13.94 -14.68
N GLY B 151 -3.11 14.38 -15.50
CA GLY B 151 -2.78 13.71 -16.73
C GLY B 151 -3.50 14.22 -17.95
N LYS B 152 -4.53 15.04 -17.78
CA LYS B 152 -5.23 15.62 -18.92
C LYS B 152 -4.26 16.39 -19.79
N THR B 153 -4.32 16.13 -21.09
CA THR B 153 -3.48 16.83 -22.05
C THR B 153 -4.17 18.10 -22.54
N SER B 154 -3.37 19.14 -22.77
CA SER B 154 -3.87 20.43 -23.22
C SER B 154 -3.96 20.55 -24.73
N LYS B 155 -3.40 19.59 -25.47
CA LYS B 155 -3.61 19.47 -26.90
C LYS B 155 -3.60 17.99 -27.25
N LYS B 156 -4.28 17.64 -28.34
CA LYS B 156 -4.38 16.25 -28.78
C LYS B 156 -3.01 15.76 -29.24
N ILE B 157 -2.42 14.84 -28.48
CA ILE B 157 -1.11 14.27 -28.76
C ILE B 157 -1.32 12.91 -29.39
N THR B 158 -0.96 12.77 -30.68
CA THR B 158 -1.25 11.57 -31.44
C THR B 158 0.03 10.90 -31.92
N ILE B 159 -0.11 9.61 -32.23
CA ILE B 159 0.91 8.86 -32.95
C ILE B 159 0.55 8.94 -34.43
N ALA B 160 1.16 9.91 -35.14
CA ALA B 160 0.79 10.15 -36.53
C ALA B 160 1.24 9.01 -37.44
N ASP B 161 2.38 8.38 -37.13
CA ASP B 161 2.89 7.26 -37.89
C ASP B 161 3.75 6.42 -36.96
N CYS B 162 3.86 5.13 -37.27
CA CYS B 162 4.68 4.23 -36.47
C CYS B 162 5.01 2.99 -37.29
N GLY B 163 6.04 2.28 -36.85
CA GLY B 163 6.50 1.11 -37.59
C GLY B 163 7.81 0.60 -37.00
N GLN B 164 8.49 -0.22 -37.80
CA GLN B 164 9.68 -0.92 -37.32
C GLN B 164 10.89 -0.53 -38.14
N LEU B 165 11.94 -0.11 -37.45
CA LEU B 165 13.31 -0.22 -37.92
C LEU B 165 13.95 -1.41 -37.22
N GLU B 166 14.97 -1.98 -37.86
CA GLU B 166 15.73 -3.10 -37.29
C GLU B 166 14.87 -4.23 -36.73
N GLY C 1 -36.63 42.12 -2.43
CA GLY C 1 -36.73 40.71 -2.09
C GLY C 1 -35.87 40.31 -0.91
N MET C 2 -35.80 39.01 -0.64
CA MET C 2 -35.00 38.51 0.48
C MET C 2 -33.57 38.20 0.00
N VAL C 3 -32.70 37.90 0.95
CA VAL C 3 -31.27 37.87 0.69
C VAL C 3 -30.68 36.53 1.12
N ASN C 4 -29.54 36.16 0.45
CA ASN C 4 -28.83 34.90 0.68
C ASN C 4 -27.94 35.00 1.92
N PRO C 5 -27.80 33.92 2.68
CA PRO C 5 -26.99 33.97 3.90
C PRO C 5 -25.50 33.96 3.60
N THR C 6 -24.72 34.51 4.53
CA THR C 6 -23.28 34.59 4.43
C THR C 6 -22.66 34.02 5.70
N VAL C 7 -21.78 33.04 5.54
CA VAL C 7 -21.10 32.39 6.65
C VAL C 7 -19.60 32.59 6.49
N PHE C 8 -18.86 32.26 7.55
CA PHE C 8 -17.43 32.50 7.59
C PHE C 8 -16.72 31.33 8.25
N PHE C 9 -15.50 31.07 7.79
CA PHE C 9 -14.55 30.19 8.44
C PHE C 9 -13.35 31.01 8.92
N ASP C 10 -12.93 30.78 10.16
CA ASP C 10 -11.65 31.27 10.65
C ASP C 10 -10.67 30.11 10.62
N ILE C 11 -9.75 30.14 9.66
CA ILE C 11 -8.88 29.00 9.38
C ILE C 11 -7.66 29.09 10.28
N ALA C 12 -7.25 27.94 10.83
CA ALA C 12 -6.04 27.82 11.63
C ALA C 12 -5.12 26.77 11.01
N VAL C 13 -3.83 26.91 11.27
CA VAL C 13 -2.80 25.99 10.82
C VAL C 13 -1.97 25.59 12.03
N ASP C 14 -2.11 24.32 12.46
CA ASP C 14 -1.47 23.83 13.69
C ASP C 14 -1.82 24.72 14.90
N GLY C 15 -2.99 25.34 14.85
CA GLY C 15 -3.44 26.19 15.94
C GLY C 15 -3.31 27.68 15.67
N GLU C 16 -2.25 28.08 14.97
CA GLU C 16 -2.05 29.49 14.72
C GLU C 16 -3.15 30.01 13.81
N PRO C 17 -3.64 31.23 14.04
CA PRO C 17 -4.60 31.83 13.11
C PRO C 17 -3.97 32.04 11.75
N LEU C 18 -4.70 31.66 10.71
CA LEU C 18 -4.25 31.84 9.33
C LEU C 18 -4.98 32.98 8.65
N GLY C 19 -6.30 32.92 8.57
CA GLY C 19 -7.09 33.96 7.95
C GLY C 19 -8.54 33.56 7.95
N ARG C 20 -9.39 34.49 7.46
CA ARG C 20 -10.82 34.26 7.40
C ARG C 20 -11.28 34.10 5.95
N VAL C 21 -12.17 33.13 5.74
CA VAL C 21 -12.83 32.90 4.46
C VAL C 21 -14.33 33.02 4.69
N SER C 22 -15.00 33.84 3.88
CA SER C 22 -16.43 33.98 3.94
C SER C 22 -17.05 33.43 2.66
N PHE C 23 -18.28 32.90 2.79
CA PHE C 23 -18.97 32.26 1.69
C PHE C 23 -20.35 32.86 1.53
N GLU C 24 -20.76 33.07 0.28
CA GLU C 24 -22.16 33.33 -0.04
C GLU C 24 -22.84 31.99 -0.31
N LEU C 25 -23.94 31.74 0.40
CA LEU C 25 -24.69 30.51 0.26
C LEU C 25 -25.85 30.72 -0.70
N PHE C 26 -25.89 29.92 -1.77
CA PHE C 26 -26.91 30.07 -2.80
C PHE C 26 -28.22 29.44 -2.38
N ALA C 27 -28.78 29.90 -1.26
CA ALA C 27 -30.08 29.42 -0.81
C ALA C 27 -31.16 29.70 -1.85
N ASP C 28 -31.00 30.76 -2.63
CA ASP C 28 -31.99 31.10 -3.63
C ASP C 28 -32.06 30.08 -4.78
N LYS C 29 -31.07 29.18 -4.87
CA LYS C 29 -31.09 28.13 -5.87
C LYS C 29 -31.02 26.73 -5.28
N VAL C 30 -30.33 26.55 -4.15
CA VAL C 30 -30.31 25.27 -3.44
C VAL C 30 -30.54 25.53 -1.95
N PRO C 31 -31.77 25.87 -1.54
CA PRO C 31 -31.97 26.26 -0.13
C PRO C 31 -31.67 25.14 0.85
N LYS C 32 -32.07 23.91 0.54
CA LYS C 32 -31.86 22.80 1.46
C LYS C 32 -30.38 22.49 1.64
N THR C 33 -29.61 22.49 0.56
CA THR C 33 -28.18 22.28 0.67
C THR C 33 -27.49 23.47 1.31
N ALA C 34 -27.98 24.68 1.04
CA ALA C 34 -27.38 25.87 1.65
C ALA C 34 -27.71 25.96 3.14
N GLU C 35 -28.97 25.69 3.50
CA GLU C 35 -29.35 25.69 4.91
C GLU C 35 -28.54 24.67 5.70
N ASN C 36 -28.30 23.51 5.10
CA ASN C 36 -27.42 22.51 5.69
C ASN C 36 -26.07 23.13 6.07
N PHE C 37 -25.34 23.64 5.08
CA PHE C 37 -24.02 24.22 5.32
C PHE C 37 -24.09 25.39 6.30
N ARG C 38 -25.18 26.18 6.24
CA ARG C 38 -25.31 27.31 7.15
C ARG C 38 -25.52 26.85 8.58
N ALA C 39 -26.47 25.94 8.79
CA ALA C 39 -26.76 25.44 10.14
C ALA C 39 -25.54 24.76 10.75
N LEU C 40 -24.83 23.96 9.95
CA LEU C 40 -23.59 23.36 10.43
C LEU C 40 -22.53 24.42 10.72
N SER C 41 -22.61 25.59 10.08
CA SER C 41 -21.63 26.63 10.33
C SER C 41 -21.87 27.33 11.67
N THR C 42 -23.13 27.51 12.03
CA THR C 42 -23.43 28.15 13.31
C THR C 42 -23.35 27.19 14.48
N GLY C 43 -23.41 25.88 14.22
CA GLY C 43 -23.38 24.90 15.29
C GLY C 43 -24.65 24.83 16.11
N GLU C 44 -25.75 25.36 15.58
CA GLU C 44 -26.96 25.50 16.39
C GLU C 44 -27.66 24.16 16.63
N LYS C 45 -27.49 23.19 15.73
CA LYS C 45 -28.12 21.89 15.97
C LYS C 45 -27.38 21.07 17.02
N GLY C 46 -26.35 21.62 17.67
CA GLY C 46 -25.56 20.87 18.62
C GLY C 46 -24.33 20.21 18.03
N PHE C 47 -24.17 20.24 16.71
CA PHE C 47 -23.02 19.69 16.02
C PHE C 47 -22.76 20.54 14.78
N GLY C 48 -21.49 20.64 14.39
CA GLY C 48 -21.17 21.48 13.26
C GLY C 48 -19.69 21.45 12.92
N TYR C 49 -19.30 22.40 12.07
CA TYR C 49 -17.99 22.37 11.44
C TYR C 49 -16.87 22.83 12.38
N LYS C 50 -17.19 23.62 13.39
CA LYS C 50 -16.18 24.21 14.25
C LYS C 50 -15.26 23.13 14.84
N GLY C 51 -13.96 23.31 14.64
CA GLY C 51 -12.97 22.40 15.15
C GLY C 51 -12.59 21.28 14.22
N SER C 52 -13.40 21.00 13.20
CA SER C 52 -13.02 20.00 12.21
C SER C 52 -11.86 20.52 11.36
N CYS C 53 -11.34 19.64 10.52
CA CYS C 53 -10.14 19.94 9.75
C CYS C 53 -10.40 19.73 8.26
N PHE C 54 -9.51 20.29 7.45
CA PHE C 54 -9.47 20.02 6.01
C PHE C 54 -8.51 18.85 5.81
N HIS C 55 -9.07 17.66 5.57
CA HIS C 55 -8.29 16.45 5.55
C HIS C 55 -7.72 16.10 4.18
N ARG C 56 -8.26 16.67 3.11
CA ARG C 56 -7.79 16.38 1.76
C ARG C 56 -7.71 17.68 0.98
N ILE C 57 -6.48 18.08 0.66
CA ILE C 57 -6.19 19.30 -0.08
C ILE C 57 -5.31 18.90 -1.26
N ILE C 58 -5.82 19.06 -2.47
CA ILE C 58 -5.08 18.70 -3.68
C ILE C 58 -4.82 19.98 -4.48
N PRO C 59 -3.58 20.44 -4.56
CA PRO C 59 -3.30 21.68 -5.30
C PRO C 59 -3.78 21.61 -6.74
N GLY C 60 -4.26 22.76 -7.23
CA GLY C 60 -4.84 22.82 -8.56
C GLY C 60 -6.19 22.15 -8.69
N PHE C 61 -6.82 21.78 -7.58
CA PHE C 61 -8.10 21.09 -7.61
C PHE C 61 -9.04 21.62 -6.54
N MET C 62 -8.79 21.32 -5.27
CA MET C 62 -9.79 21.58 -4.25
C MET C 62 -9.19 21.43 -2.86
N CYS C 63 -9.90 21.97 -1.87
CA CYS C 63 -9.68 21.70 -0.46
C CYS C 63 -10.92 21.04 0.09
N GLN C 64 -10.76 19.94 0.81
CA GLN C 64 -11.89 19.16 1.32
C GLN C 64 -11.95 19.20 2.84
N GLY C 65 -13.16 19.29 3.37
CA GLY C 65 -13.36 19.16 4.78
C GLY C 65 -14.79 18.76 5.06
N GLY C 66 -15.15 18.86 6.34
CA GLY C 66 -16.53 18.68 6.76
C GLY C 66 -16.79 17.45 7.59
N ASP C 67 -15.78 16.64 7.87
CA ASP C 67 -15.99 15.40 8.64
C ASP C 67 -15.74 15.72 10.12
N PHE C 68 -16.79 16.22 10.77
CA PHE C 68 -16.70 16.59 12.18
C PHE C 68 -17.02 15.44 13.12
N THR C 69 -16.99 14.19 12.63
CA THR C 69 -17.25 13.02 13.47
C THR C 69 -16.02 12.14 13.61
N ARG C 70 -15.48 11.61 12.51
CA ARG C 70 -14.37 10.67 12.57
C ARG C 70 -13.03 11.31 12.21
N HIS C 71 -13.04 12.54 11.70
CA HIS C 71 -11.82 13.32 11.42
C HIS C 71 -10.79 12.49 10.66
N ASN C 72 -11.24 11.82 9.61
CA ASN C 72 -10.34 10.99 8.80
C ASN C 72 -10.81 10.96 7.35
N GLY C 73 -12.03 11.43 7.11
CA GLY C 73 -12.61 11.48 5.78
C GLY C 73 -13.80 10.58 5.57
N THR C 74 -14.17 9.76 6.54
CA THR C 74 -15.22 8.76 6.35
C THR C 74 -16.57 9.17 6.90
N GLY C 75 -16.63 10.20 7.75
CA GLY C 75 -17.86 10.50 8.46
C GLY C 75 -18.54 11.79 8.08
N GLY C 76 -19.19 12.42 9.05
CA GLY C 76 -20.00 13.59 8.81
C GLY C 76 -21.47 13.25 8.66
N LYS C 77 -22.32 14.25 8.85
CA LYS C 77 -23.76 14.07 8.76
C LYS C 77 -24.42 15.40 8.48
N SER C 78 -25.54 15.34 7.76
CA SER C 78 -26.34 16.52 7.49
C SER C 78 -27.27 16.81 8.66
N ILE C 79 -28.01 17.92 8.56
CA ILE C 79 -28.98 18.28 9.58
C ILE C 79 -30.25 17.49 9.36
N TYR C 80 -30.32 16.76 8.24
CA TYR C 80 -31.48 15.94 7.89
C TYR C 80 -31.18 14.45 8.00
N GLY C 81 -30.26 14.07 8.87
CA GLY C 81 -29.80 12.69 8.93
C GLY C 81 -28.43 12.52 8.33
N GLU C 82 -28.02 11.25 8.24
CA GLU C 82 -26.65 10.95 7.82
C GLU C 82 -26.39 11.37 6.37
N LYS C 83 -27.39 11.27 5.50
CA LYS C 83 -27.23 11.66 4.10
C LYS C 83 -28.55 12.19 3.58
N PHE C 84 -28.49 12.96 2.49
CA PHE C 84 -29.71 13.52 1.92
C PHE C 84 -29.55 13.71 0.42
N GLU C 85 -30.62 14.23 -0.19
CA GLU C 85 -30.77 14.29 -1.65
C GLU C 85 -29.71 15.18 -2.31
N ASP C 86 -29.49 14.93 -3.59
CA ASP C 86 -28.94 15.93 -4.50
C ASP C 86 -30.08 16.88 -4.86
N GLU C 87 -30.06 18.09 -4.30
CA GLU C 87 -31.20 18.99 -4.45
C GLU C 87 -31.43 19.34 -5.90
N ASN C 88 -30.38 19.75 -6.61
CA ASN C 88 -30.42 19.97 -8.05
C ASN C 88 -28.98 20.16 -8.52
N PHE C 89 -28.82 20.32 -9.83
CA PHE C 89 -27.52 20.58 -10.45
C PHE C 89 -27.58 21.83 -11.31
N ILE C 90 -28.31 22.83 -10.82
CA ILE C 90 -28.43 24.11 -11.53
C ILE C 90 -27.06 24.77 -11.67
N LEU C 91 -26.38 24.97 -10.55
CA LEU C 91 -25.14 25.72 -10.52
C LEU C 91 -23.97 24.84 -10.95
N LYS C 92 -23.00 25.46 -11.61
CA LYS C 92 -21.89 24.76 -12.25
C LYS C 92 -20.58 25.08 -11.56
N HIS C 93 -19.59 24.20 -11.78
CA HIS C 93 -18.25 24.40 -11.23
C HIS C 93 -17.49 25.31 -12.20
N THR C 94 -17.66 26.62 -12.00
CA THR C 94 -17.19 27.60 -12.97
C THR C 94 -15.75 28.03 -12.75
N GLY C 95 -15.22 27.89 -11.54
CA GLY C 95 -13.85 28.28 -11.26
C GLY C 95 -13.52 28.22 -9.79
N PRO C 96 -12.38 28.83 -9.42
CA PRO C 96 -12.00 28.85 -8.00
C PRO C 96 -13.03 29.58 -7.15
N GLY C 97 -13.15 29.14 -5.90
CA GLY C 97 -14.08 29.70 -4.96
C GLY C 97 -15.39 28.92 -4.82
N ILE C 98 -15.68 28.04 -5.77
CA ILE C 98 -16.96 27.33 -5.77
C ILE C 98 -17.03 26.35 -4.61
N LEU C 99 -18.17 26.34 -3.94
CA LEU C 99 -18.47 25.46 -2.82
C LEU C 99 -19.37 24.34 -3.32
N SER C 100 -18.98 23.09 -3.08
CA SER C 100 -19.69 21.95 -3.64
C SER C 100 -19.68 20.80 -2.65
N MET C 101 -20.66 19.91 -2.80
CA MET C 101 -20.85 18.77 -1.90
C MET C 101 -20.07 17.55 -2.37
N ALA C 102 -19.25 17.00 -1.47
CA ALA C 102 -18.68 15.68 -1.70
C ALA C 102 -19.77 14.63 -1.55
N ASN C 103 -19.62 13.53 -2.30
CA ASN C 103 -20.60 12.45 -2.22
C ASN C 103 -19.94 11.13 -2.57
N ALA C 104 -20.55 10.04 -2.08
CA ALA C 104 -20.12 8.68 -2.37
C ALA C 104 -21.04 8.00 -3.37
N GLY C 105 -21.68 8.78 -4.23
CA GLY C 105 -22.72 8.29 -5.10
C GLY C 105 -23.89 9.25 -5.12
N PRO C 106 -24.82 9.06 -6.04
CA PRO C 106 -26.00 9.93 -6.08
C PRO C 106 -26.79 9.89 -4.77
N ASN C 107 -27.26 11.06 -4.36
CA ASN C 107 -28.13 11.21 -3.19
C ASN C 107 -27.48 10.67 -1.91
N THR C 108 -26.23 11.07 -1.69
CA THR C 108 -25.53 10.72 -0.45
C THR C 108 -24.84 11.94 0.15
N ASN C 109 -25.41 13.12 -0.05
CA ASN C 109 -24.82 14.33 0.54
C ASN C 109 -24.92 14.28 2.05
N GLY C 110 -23.77 14.40 2.72
CA GLY C 110 -23.75 14.46 4.16
C GLY C 110 -23.37 15.84 4.68
N SER C 111 -22.14 15.96 5.19
CA SER C 111 -21.60 17.24 5.60
C SER C 111 -20.29 17.59 4.92
N GLN C 112 -19.61 16.62 4.30
CA GLN C 112 -18.35 16.90 3.65
C GLN C 112 -18.57 17.71 2.37
N PHE C 113 -17.72 18.71 2.18
CA PHE C 113 -17.85 19.70 1.13
C PHE C 113 -16.47 19.93 0.55
N PHE C 114 -16.39 20.74 -0.52
CA PHE C 114 -15.09 21.18 -0.96
C PHE C 114 -15.18 22.54 -1.63
N ILE C 115 -14.06 23.27 -1.52
CA ILE C 115 -13.89 24.59 -2.12
C ILE C 115 -12.96 24.41 -3.31
N CYS C 116 -13.47 24.67 -4.51
CA CYS C 116 -12.67 24.48 -5.71
C CYS C 116 -11.57 25.54 -5.79
N THR C 117 -10.38 25.11 -6.22
CA THR C 117 -9.29 26.01 -6.56
C THR C 117 -9.02 26.03 -8.07
N ALA C 118 -9.95 25.51 -8.86
CA ALA C 118 -9.87 25.52 -10.31
C ALA C 118 -11.29 25.39 -10.86
N LYS C 119 -11.42 25.55 -12.16
CA LYS C 119 -12.65 25.16 -12.84
C LYS C 119 -12.70 23.65 -12.97
N THR C 120 -13.78 23.05 -12.48
CA THR C 120 -13.93 21.60 -12.44
C THR C 120 -15.27 21.20 -13.07
N GLU C 121 -15.49 21.62 -14.32
CA GLU C 121 -16.75 21.37 -14.99
C GLU C 121 -17.04 19.88 -15.20
N TRP C 122 -16.04 19.02 -15.04
CA TRP C 122 -16.25 17.57 -15.09
C TRP C 122 -16.90 17.04 -13.83
N LEU C 123 -17.24 17.92 -12.89
CA LEU C 123 -18.07 17.57 -11.74
C LEU C 123 -19.50 18.06 -11.89
N ASP C 124 -19.79 18.86 -12.92
CA ASP C 124 -21.16 19.33 -13.14
C ASP C 124 -22.09 18.15 -13.35
N GLY C 125 -23.29 18.22 -12.77
CA GLY C 125 -24.24 17.13 -12.83
C GLY C 125 -23.98 15.99 -11.89
N LYS C 126 -22.85 15.98 -11.16
CA LYS C 126 -22.55 14.94 -10.20
C LYS C 126 -22.47 15.45 -8.77
N HIS C 127 -22.02 16.68 -8.56
CA HIS C 127 -21.89 17.27 -7.23
C HIS C 127 -22.66 18.58 -7.17
N VAL C 128 -23.39 18.76 -6.07
CA VAL C 128 -24.34 19.87 -5.93
C VAL C 128 -23.57 21.14 -5.53
N VAL C 129 -23.40 22.06 -6.47
CA VAL C 129 -22.83 23.36 -6.17
C VAL C 129 -23.84 24.15 -5.35
N PHE C 130 -23.37 24.76 -4.26
CA PHE C 130 -24.27 25.49 -3.37
C PHE C 130 -23.70 26.78 -2.79
N GLY C 131 -22.51 27.19 -3.18
CA GLY C 131 -21.95 28.41 -2.62
C GLY C 131 -20.66 28.79 -3.30
N LYS C 132 -20.15 29.96 -2.93
CA LYS C 132 -18.86 30.43 -3.42
C LYS C 132 -18.19 31.25 -2.35
N VAL C 133 -16.86 31.38 -2.48
CA VAL C 133 -16.11 32.26 -1.61
C VAL C 133 -16.40 33.71 -1.98
N LYS C 134 -16.72 34.53 -0.97
CA LYS C 134 -16.95 35.95 -1.17
C LYS C 134 -15.71 36.78 -0.87
N GLU C 135 -15.05 36.52 0.26
CA GLU C 135 -13.83 37.20 0.63
C GLU C 135 -12.88 36.19 1.27
N GLY C 136 -11.61 36.29 0.92
CA GLY C 136 -10.59 35.43 1.47
C GLY C 136 -10.04 34.35 0.55
N MET C 137 -10.16 34.52 -0.77
CA MET C 137 -9.55 33.55 -1.68
C MET C 137 -8.04 33.47 -1.47
N ASN C 138 -7.43 34.53 -0.94
CA ASN C 138 -6.01 34.49 -0.59
C ASN C 138 -5.75 33.47 0.52
N ILE C 139 -6.67 33.35 1.47
CA ILE C 139 -6.52 32.36 2.53
C ILE C 139 -6.68 30.96 1.97
N VAL C 140 -7.62 30.77 1.02
CA VAL C 140 -7.78 29.49 0.35
C VAL C 140 -6.51 29.13 -0.41
N GLU C 141 -5.97 30.11 -1.14
CA GLU C 141 -4.71 29.90 -1.85
C GLU C 141 -3.61 29.46 -0.89
N ALA C 142 -3.57 30.06 0.30
CA ALA C 142 -2.56 29.69 1.29
C ALA C 142 -2.83 28.29 1.86
N MET C 143 -4.11 27.95 2.04
CA MET C 143 -4.48 26.59 2.44
C MET C 143 -4.00 25.57 1.42
N GLU C 144 -4.20 25.88 0.14
CA GLU C 144 -3.85 24.95 -0.94
C GLU C 144 -2.38 24.57 -0.93
N ARG C 145 -1.51 25.47 -0.47
CA ARG C 145 -0.08 25.20 -0.42
C ARG C 145 0.28 24.16 0.63
N PHE C 146 -0.66 23.78 1.50
CA PHE C 146 -0.44 22.76 2.49
C PHE C 146 -0.88 21.37 2.04
N GLY C 147 -1.38 21.25 0.82
CA GLY C 147 -1.83 19.98 0.29
C GLY C 147 -0.75 19.28 -0.49
N SER C 148 -1.15 18.18 -1.15
CA SER C 148 -0.24 17.38 -1.97
C SER C 148 -1.06 16.71 -3.07
N ARG C 149 -0.36 15.96 -3.93
CA ARG C 149 -1.04 15.38 -5.08
C ARG C 149 -2.01 14.28 -4.67
N ASN C 150 -1.79 13.63 -3.53
CA ASN C 150 -2.73 12.66 -2.99
C ASN C 150 -3.60 13.23 -1.89
N GLY C 151 -3.58 14.55 -1.71
CA GLY C 151 -4.45 15.22 -0.78
C GLY C 151 -3.97 15.25 0.65
N LYS C 152 -2.86 14.60 0.97
CA LYS C 152 -2.37 14.60 2.34
C LYS C 152 -1.85 16.00 2.70
N THR C 153 -2.45 16.59 3.71
CA THR C 153 -1.99 17.89 4.20
C THR C 153 -0.68 17.73 4.96
N SER C 154 0.16 18.77 4.88
CA SER C 154 1.44 18.80 5.58
C SER C 154 1.35 19.44 6.96
N LYS C 155 0.27 20.17 7.23
CA LYS C 155 -0.06 20.66 8.56
C LYS C 155 -1.56 20.53 8.75
N LYS C 156 -1.99 20.48 10.01
CA LYS C 156 -3.41 20.34 10.31
C LYS C 156 -4.13 21.66 10.03
N ILE C 157 -5.06 21.64 9.08
CA ILE C 157 -5.82 22.82 8.68
C ILE C 157 -7.22 22.69 9.24
N THR C 158 -7.55 23.56 10.20
CA THR C 158 -8.80 23.43 10.94
C THR C 158 -9.66 24.67 10.80
N ILE C 159 -10.96 24.45 10.99
CA ILE C 159 -11.93 25.55 11.14
C ILE C 159 -11.94 25.88 12.62
N ALA C 160 -11.08 26.82 13.03
CA ALA C 160 -10.97 27.20 14.43
C ALA C 160 -12.29 27.79 14.93
N ASP C 161 -12.96 28.59 14.10
CA ASP C 161 -14.26 29.14 14.45
C ASP C 161 -15.05 29.33 13.16
N CYS C 162 -16.37 29.32 13.31
CA CYS C 162 -17.23 29.52 12.15
C CYS C 162 -18.58 29.99 12.64
N GLY C 163 -19.37 30.53 11.70
CA GLY C 163 -20.66 31.08 12.06
C GLY C 163 -21.26 31.83 10.89
N GLN C 164 -22.39 32.48 11.15
CA GLN C 164 -23.10 33.25 10.14
C GLN C 164 -22.89 34.73 10.40
N LEU C 165 -22.39 35.43 9.39
CA LEU C 165 -22.26 36.88 9.46
C LEU C 165 -23.62 37.53 9.20
N GLU C 166 -23.89 38.60 9.95
CA GLU C 166 -25.10 39.39 9.78
C GLU C 166 -25.34 39.73 8.32
N MET D 2 25.06 -15.58 -9.77
CA MET D 2 23.76 -14.95 -9.58
C MET D 2 23.03 -15.54 -8.39
N VAL D 3 23.80 -16.04 -7.42
CA VAL D 3 23.24 -16.61 -6.20
C VAL D 3 23.27 -15.54 -5.11
N ASN D 4 22.33 -15.62 -4.20
CA ASN D 4 22.40 -14.75 -3.03
C ASN D 4 23.18 -15.43 -1.93
N PRO D 5 24.21 -14.79 -1.36
CA PRO D 5 25.03 -15.47 -0.36
C PRO D 5 24.25 -15.75 0.92
N THR D 6 24.63 -16.85 1.57
CA THR D 6 24.12 -17.23 2.88
C THR D 6 25.23 -17.10 3.91
N VAL D 7 24.88 -16.57 5.08
CA VAL D 7 25.78 -16.47 6.22
C VAL D 7 25.09 -17.07 7.43
N PHE D 8 25.88 -17.33 8.47
CA PHE D 8 25.36 -17.98 9.68
C PHE D 8 25.97 -17.33 10.91
N PHE D 9 25.17 -17.26 11.97
CA PHE D 9 25.61 -16.85 13.30
C PHE D 9 25.36 -17.98 14.27
N ASP D 10 26.35 -18.28 15.10
CA ASP D 10 26.18 -19.17 16.25
C ASP D 10 26.14 -18.30 17.51
N ILE D 11 24.99 -18.25 18.17
CA ILE D 11 24.75 -17.29 19.24
C ILE D 11 25.06 -17.94 20.59
N ALA D 12 25.62 -17.16 21.51
CA ALA D 12 25.91 -17.61 22.85
C ALA D 12 25.13 -16.79 23.87
N VAL D 13 24.83 -17.41 25.01
CA VAL D 13 24.14 -16.76 26.12
C VAL D 13 25.03 -16.91 27.35
N ASP D 14 25.62 -15.79 27.77
CA ASP D 14 26.56 -15.78 28.89
C ASP D 14 27.64 -16.84 28.71
N GLY D 15 28.10 -17.01 27.47
CA GLY D 15 29.20 -17.88 27.12
C GLY D 15 28.79 -19.26 26.62
N GLU D 16 27.57 -19.70 26.91
CA GLU D 16 27.06 -21.02 26.57
C GLU D 16 26.32 -20.98 25.24
N PRO D 17 26.47 -22.03 24.42
CA PRO D 17 25.85 -22.02 23.09
C PRO D 17 24.33 -22.05 23.19
N LEU D 18 23.69 -21.25 22.33
CA LEU D 18 22.23 -21.20 22.24
C LEU D 18 21.76 -21.82 20.96
N GLY D 19 22.08 -21.24 19.80
CA GLY D 19 21.61 -21.78 18.53
C GLY D 19 22.22 -21.01 17.38
N ARG D 20 21.89 -21.45 16.17
CA ARG D 20 22.38 -20.85 14.95
C ARG D 20 21.27 -20.10 14.23
N VAL D 21 21.58 -18.89 13.76
CA VAL D 21 20.71 -18.14 12.86
C VAL D 21 21.43 -18.01 11.53
N SER D 22 20.73 -18.31 10.45
CA SER D 22 21.26 -18.16 9.10
C SER D 22 20.48 -17.09 8.37
N PHE D 23 21.17 -16.34 7.51
CA PHE D 23 20.55 -15.28 6.74
C PHE D 23 20.83 -15.48 5.26
N GLU D 24 19.90 -15.02 4.44
CA GLU D 24 20.13 -14.81 3.02
C GLU D 24 20.36 -13.32 2.81
N LEU D 25 21.50 -12.97 2.22
CA LEU D 25 21.83 -11.58 1.93
C LEU D 25 21.38 -11.26 0.52
N PHE D 26 20.56 -10.21 0.38
CA PHE D 26 19.99 -9.80 -0.90
C PHE D 26 21.08 -9.12 -1.74
N ALA D 27 21.99 -9.95 -2.26
CA ALA D 27 23.02 -9.42 -3.15
C ALA D 27 22.41 -8.86 -4.42
N ASP D 28 21.38 -9.53 -4.94
CA ASP D 28 20.76 -9.14 -6.21
C ASP D 28 20.15 -7.75 -6.16
N LYS D 29 19.87 -7.23 -4.95
CA LYS D 29 19.20 -5.95 -4.79
C LYS D 29 20.08 -4.86 -4.22
N VAL D 30 20.99 -5.20 -3.30
CA VAL D 30 21.90 -4.23 -2.68
C VAL D 30 23.29 -4.84 -2.59
N PRO D 31 23.98 -5.06 -3.72
CA PRO D 31 25.23 -5.83 -3.68
C PRO D 31 26.31 -5.24 -2.79
N LYS D 32 26.42 -3.92 -2.71
CA LYS D 32 27.47 -3.30 -1.91
C LYS D 32 27.20 -3.43 -0.41
N THR D 33 25.93 -3.30 0.00
CA THR D 33 25.61 -3.48 1.41
C THR D 33 25.64 -4.96 1.78
N ALA D 34 25.10 -5.83 0.92
CA ALA D 34 25.13 -7.26 1.19
C ALA D 34 26.57 -7.76 1.28
N GLU D 35 27.48 -7.17 0.50
CA GLU D 35 28.88 -7.56 0.58
C GLU D 35 29.49 -7.16 1.91
N ASN D 36 29.16 -5.96 2.41
CA ASN D 36 29.72 -5.49 3.67
C ASN D 36 29.37 -6.44 4.82
N PHE D 37 28.12 -6.90 4.88
CA PHE D 37 27.73 -7.85 5.92
C PHE D 37 28.35 -9.23 5.69
N ARG D 38 28.52 -9.63 4.43
CA ARG D 38 29.03 -10.96 4.14
C ARG D 38 30.48 -11.08 4.61
N ALA D 39 31.36 -10.22 4.11
CA ALA D 39 32.78 -10.27 4.44
C ALA D 39 33.05 -9.92 5.91
N LEU D 40 32.10 -9.31 6.61
CA LEU D 40 32.24 -9.13 8.04
C LEU D 40 31.80 -10.35 8.83
N SER D 41 31.03 -11.25 8.22
CA SER D 41 30.67 -12.48 8.89
C SER D 41 31.79 -13.51 8.82
N THR D 42 32.54 -13.52 7.72
CA THR D 42 33.67 -14.43 7.59
C THR D 42 34.91 -13.93 8.31
N GLY D 43 35.00 -12.63 8.57
CA GLY D 43 36.20 -12.03 9.13
C GLY D 43 37.34 -11.87 8.15
N GLU D 44 37.11 -12.09 6.86
CA GLU D 44 38.16 -12.19 5.85
C GLU D 44 38.84 -10.86 5.55
N LYS D 45 38.46 -9.78 6.23
CA LYS D 45 39.22 -8.54 6.19
C LYS D 45 39.95 -8.29 7.50
N GLY D 46 40.21 -9.34 8.26
CA GLY D 46 40.83 -9.23 9.57
C GLY D 46 39.81 -9.00 10.66
N PHE D 47 39.05 -7.92 10.54
CA PHE D 47 38.00 -7.57 11.48
C PHE D 47 36.67 -8.15 11.03
N GLY D 48 35.85 -8.53 12.00
CA GLY D 48 34.58 -9.14 11.67
C GLY D 48 33.61 -9.10 12.84
N TYR D 49 32.48 -9.78 12.65
CA TYR D 49 31.43 -9.80 13.65
C TYR D 49 31.75 -10.72 14.81
N LYS D 50 32.48 -11.80 14.56
CA LYS D 50 32.78 -12.80 15.58
C LYS D 50 33.35 -12.13 16.83
N GLY D 51 32.82 -12.52 17.99
CA GLY D 51 33.19 -11.94 19.25
C GLY D 51 32.31 -10.79 19.70
N SER D 52 31.64 -10.10 18.77
CA SER D 52 30.78 -9.00 19.13
C SER D 52 29.49 -9.52 19.77
N CYS D 53 28.74 -8.61 20.37
CA CYS D 53 27.54 -8.94 21.11
C CYS D 53 26.36 -8.11 20.60
N PHE D 54 25.17 -8.65 20.80
CA PHE D 54 23.93 -7.92 20.55
C PHE D 54 23.66 -7.03 21.76
N HIS D 55 24.06 -5.76 21.65
CA HIS D 55 24.08 -4.87 22.81
C HIS D 55 22.71 -4.27 23.12
N ARG D 56 21.81 -4.19 22.14
CA ARG D 56 20.46 -3.72 22.40
C ARG D 56 19.46 -4.71 21.83
N ILE D 57 18.58 -5.20 22.70
CA ILE D 57 17.53 -6.14 22.34
C ILE D 57 16.24 -5.64 23.00
N ILE D 58 15.26 -5.27 22.18
CA ILE D 58 14.01 -4.70 22.65
C ILE D 58 12.88 -5.62 22.22
N PRO D 59 12.28 -6.38 23.15
CA PRO D 59 11.18 -7.28 22.78
C PRO D 59 10.06 -6.56 22.06
N GLY D 60 9.61 -7.15 20.96
CA GLY D 60 8.60 -6.54 20.11
C GLY D 60 9.14 -5.57 19.08
N PHE D 61 10.46 -5.42 19.00
CA PHE D 61 11.06 -4.47 18.08
C PHE D 61 12.18 -5.12 17.27
N MET D 62 13.36 -5.25 17.85
CA MET D 62 14.53 -5.70 17.08
C MET D 62 15.64 -6.14 18.02
N CYS D 63 16.60 -6.87 17.46
CA CYS D 63 17.86 -7.21 18.13
C CYS D 63 18.99 -6.57 17.33
N GLN D 64 19.81 -5.78 18.01
CA GLN D 64 20.84 -4.98 17.37
C GLN D 64 22.23 -5.37 17.85
N GLY D 65 23.15 -5.53 16.89
CA GLY D 65 24.55 -5.74 17.19
C GLY D 65 25.43 -5.18 16.09
N GLY D 66 26.67 -5.65 15.99
CA GLY D 66 27.55 -5.30 14.91
C GLY D 66 28.76 -4.49 15.30
N ASP D 67 28.75 -3.89 16.49
CA ASP D 67 29.88 -3.07 16.93
C ASP D 67 30.98 -4.00 17.44
N PHE D 68 31.98 -4.27 16.60
CA PHE D 68 33.12 -5.05 17.02
C PHE D 68 34.30 -4.20 17.48
N THR D 69 34.29 -2.91 17.16
CA THR D 69 35.44 -2.06 17.51
C THR D 69 35.40 -1.58 18.95
N ARG D 70 34.21 -1.42 19.53
CA ARG D 70 34.11 -0.89 20.90
C ARG D 70 33.03 -1.55 21.74
N HIS D 71 32.21 -2.42 21.17
CA HIS D 71 31.36 -3.34 21.93
C HIS D 71 30.25 -2.67 22.75
N ASN D 72 30.24 -1.35 22.82
CA ASN D 72 29.17 -0.68 23.56
C ASN D 72 28.03 -0.25 22.66
N GLY D 73 28.29 -0.04 21.38
CA GLY D 73 27.29 0.45 20.44
C GLY D 73 27.65 1.76 19.77
N THR D 74 28.82 2.33 20.05
CA THR D 74 29.27 3.56 19.43
C THR D 74 30.30 3.32 18.34
N GLY D 75 30.79 2.09 18.21
CA GLY D 75 31.85 1.81 17.26
C GLY D 75 31.40 1.05 16.04
N GLY D 76 32.28 0.20 15.51
CA GLY D 76 32.02 -0.49 14.27
C GLY D 76 32.46 0.31 13.06
N LYS D 77 32.74 -0.41 11.98
CA LYS D 77 33.16 0.20 10.73
C LYS D 77 32.90 -0.79 9.60
N SER D 78 32.63 -0.24 8.42
CA SER D 78 32.34 -1.08 7.25
C SER D 78 33.62 -1.68 6.68
N ILE D 79 33.53 -2.22 5.47
CA ILE D 79 34.71 -2.70 4.75
C ILE D 79 35.20 -1.71 3.72
N TYR D 80 34.53 -0.55 3.58
CA TYR D 80 34.92 0.48 2.62
C TYR D 80 35.47 1.72 3.31
N GLY D 81 35.87 1.60 4.56
CA GLY D 81 36.10 2.74 5.42
C GLY D 81 35.09 2.77 6.55
N GLU D 82 35.18 3.80 7.38
CA GLU D 82 34.35 3.85 8.57
C GLU D 82 32.87 4.06 8.27
N LYS D 83 32.51 4.52 7.07
CA LYS D 83 31.11 4.59 6.70
C LYS D 83 30.97 4.70 5.19
N PHE D 84 29.78 4.36 4.70
CA PHE D 84 29.47 4.41 3.27
C PHE D 84 28.00 4.75 3.10
N GLU D 85 27.59 4.92 1.84
CA GLU D 85 26.31 5.53 1.53
C GLU D 85 25.16 4.52 1.57
N ASP D 86 23.94 5.04 1.65
CA ASP D 86 22.72 4.23 1.58
C ASP D 86 22.55 3.74 0.16
N GLU D 87 22.75 2.45 -0.06
CA GLU D 87 22.75 1.89 -1.40
C GLU D 87 21.46 2.22 -2.14
N ASN D 88 20.33 1.80 -1.57
CA ASN D 88 19.01 2.17 -2.07
C ASN D 88 18.01 1.83 -0.97
N PHE D 89 16.74 2.08 -1.26
CA PHE D 89 15.64 1.81 -0.34
C PHE D 89 14.55 1.03 -1.06
N ILE D 90 14.95 0.08 -1.91
CA ILE D 90 13.99 -0.72 -2.66
C ILE D 90 13.19 -1.62 -1.72
N LEU D 91 13.87 -2.30 -0.80
CA LEU D 91 13.23 -3.30 0.05
C LEU D 91 12.71 -2.66 1.33
N LYS D 92 11.61 -3.21 1.85
CA LYS D 92 10.89 -2.61 2.97
C LYS D 92 10.94 -3.52 4.19
N HIS D 93 10.67 -2.92 5.36
CA HIS D 93 10.64 -3.65 6.62
C HIS D 93 9.27 -4.33 6.73
N THR D 94 9.18 -5.53 6.16
CA THR D 94 7.88 -6.17 5.98
C THR D 94 7.42 -6.92 7.23
N GLY D 95 8.33 -7.37 8.08
CA GLY D 95 7.95 -8.10 9.27
C GLY D 95 9.16 -8.71 9.97
N PRO D 96 8.91 -9.69 10.84
CA PRO D 96 10.01 -10.36 11.51
C PRO D 96 10.93 -11.05 10.52
N GLY D 97 12.22 -11.05 10.86
CA GLY D 97 13.23 -11.64 10.00
C GLY D 97 14.05 -10.60 9.26
N ILE D 98 13.44 -9.46 8.96
CA ILE D 98 14.07 -8.47 8.10
C ILE D 98 15.38 -7.99 8.72
N LEU D 99 16.44 -7.99 7.92
CA LEU D 99 17.78 -7.59 8.33
C LEU D 99 18.08 -6.22 7.73
N SER D 100 18.48 -5.28 8.58
CA SER D 100 18.60 -3.88 8.14
C SER D 100 19.79 -3.22 8.82
N MET D 101 20.25 -2.13 8.22
CA MET D 101 21.40 -1.39 8.72
C MET D 101 20.97 -0.29 9.68
N ALA D 102 21.65 -0.20 10.81
CA ALA D 102 21.50 0.95 11.70
C ALA D 102 22.43 2.07 11.24
N ASN D 103 22.07 3.31 11.60
CA ASN D 103 22.84 4.48 11.14
C ASN D 103 22.56 5.67 12.05
N ALA D 104 23.37 6.71 11.88
CA ALA D 104 23.20 7.98 12.57
C ALA D 104 22.58 9.05 11.68
N GLY D 105 21.96 8.64 10.58
CA GLY D 105 21.43 9.58 9.61
C GLY D 105 21.82 9.20 8.20
N PRO D 106 21.46 10.04 7.23
CA PRO D 106 21.77 9.74 5.83
C PRO D 106 23.24 9.39 5.59
N ASN D 107 23.46 8.26 4.92
CA ASN D 107 24.78 7.82 4.44
C ASN D 107 25.81 7.81 5.58
N THR D 108 25.53 6.96 6.57
CA THR D 108 26.42 6.76 7.71
C THR D 108 26.49 5.29 8.07
N ASN D 109 26.45 4.42 7.07
CA ASN D 109 26.41 2.99 7.33
C ASN D 109 27.77 2.47 7.75
N GLY D 110 27.82 1.80 8.90
CA GLY D 110 29.03 1.13 9.35
C GLY D 110 28.90 -0.37 9.30
N SER D 111 28.96 -1.02 10.46
CA SER D 111 28.78 -2.46 10.56
C SER D 111 27.59 -2.86 11.41
N GLN D 112 26.91 -1.89 12.03
CA GLN D 112 25.84 -2.19 12.97
C GLN D 112 24.53 -2.44 12.22
N PHE D 113 23.76 -3.38 12.75
CA PHE D 113 22.56 -3.89 12.11
C PHE D 113 21.53 -4.23 13.17
N PHE D 114 20.31 -4.48 12.72
CA PHE D 114 19.30 -5.03 13.60
C PHE D 114 18.50 -6.09 12.86
N ILE D 115 18.04 -7.07 13.62
CA ILE D 115 17.13 -8.11 13.14
C ILE D 115 15.74 -7.79 13.67
N CYS D 116 14.82 -7.51 12.75
CA CYS D 116 13.46 -7.16 13.17
C CYS D 116 12.72 -8.36 13.72
N THR D 117 12.11 -8.17 14.88
CA THR D 117 11.15 -9.12 15.45
C THR D 117 9.71 -8.65 15.26
N ALA D 118 9.49 -7.63 14.44
CA ALA D 118 8.17 -7.12 14.14
C ALA D 118 8.25 -6.42 12.79
N LYS D 119 7.09 -6.02 12.28
CA LYS D 119 7.06 -5.17 11.09
C LYS D 119 7.31 -3.72 11.52
N THR D 120 8.39 -3.14 11.01
CA THR D 120 8.79 -1.78 11.35
C THR D 120 8.77 -0.90 10.12
N GLU D 121 7.60 -0.76 9.48
CA GLU D 121 7.50 -0.03 8.22
C GLU D 121 7.92 1.43 8.35
N TRP D 122 7.86 1.99 9.54
CA TRP D 122 8.26 3.37 9.77
C TRP D 122 9.78 3.58 9.66
N LEU D 123 10.52 2.55 9.24
CA LEU D 123 11.93 2.68 8.95
C LEU D 123 12.26 2.61 7.47
N ASP D 124 11.27 2.32 6.62
CA ASP D 124 11.50 2.28 5.18
C ASP D 124 12.00 3.62 4.68
N GLY D 125 13.01 3.59 3.80
CA GLY D 125 13.59 4.80 3.26
C GLY D 125 14.56 5.51 4.18
N LYS D 126 14.86 4.95 5.35
CA LYS D 126 15.77 5.59 6.29
C LYS D 126 16.88 4.62 6.67
N HIS D 127 16.59 3.32 6.59
CA HIS D 127 17.56 2.26 6.87
C HIS D 127 17.52 1.25 5.74
N VAL D 128 18.70 0.86 5.26
CA VAL D 128 18.83 0.01 4.09
C VAL D 128 18.54 -1.44 4.47
N VAL D 129 17.46 -1.99 3.92
CA VAL D 129 17.13 -3.40 4.08
C VAL D 129 17.97 -4.21 3.10
N PHE D 130 18.61 -5.27 3.59
CA PHE D 130 19.56 -6.01 2.77
C PHE D 130 19.53 -7.52 3.02
N GLY D 131 18.64 -8.03 3.85
CA GLY D 131 18.64 -9.44 4.15
C GLY D 131 17.44 -9.85 4.97
N LYS D 132 17.31 -11.15 5.16
CA LYS D 132 16.27 -11.73 5.99
C LYS D 132 16.81 -12.99 6.64
N VAL D 133 16.20 -13.36 7.77
CA VAL D 133 16.52 -14.62 8.41
C VAL D 133 16.01 -15.77 7.55
N LYS D 134 16.88 -16.75 7.31
CA LYS D 134 16.51 -17.91 6.52
C LYS D 134 15.95 -19.02 7.41
N GLU D 135 16.73 -19.42 8.42
CA GLU D 135 16.30 -20.40 9.40
C GLU D 135 16.80 -19.96 10.78
N GLY D 136 16.03 -20.31 11.80
CA GLY D 136 16.40 -19.99 13.16
C GLY D 136 15.71 -18.79 13.77
N MET D 137 14.52 -18.43 13.28
CA MET D 137 13.73 -17.39 13.94
C MET D 137 13.37 -17.79 15.36
N ASN D 138 13.40 -19.08 15.67
CA ASN D 138 13.27 -19.52 17.05
C ASN D 138 14.48 -19.09 17.89
N ILE D 139 15.67 -19.06 17.31
CA ILE D 139 16.85 -18.61 18.05
C ILE D 139 16.73 -17.12 18.35
N VAL D 140 16.32 -16.34 17.34
CA VAL D 140 16.10 -14.91 17.52
C VAL D 140 15.10 -14.67 18.64
N GLU D 141 14.00 -15.44 18.63
CA GLU D 141 12.95 -15.29 19.63
C GLU D 141 13.49 -15.52 21.04
N ALA D 142 14.40 -16.49 21.19
CA ALA D 142 14.99 -16.73 22.51
C ALA D 142 15.94 -15.60 22.90
N MET D 143 16.77 -15.15 21.96
CA MET D 143 17.58 -13.97 22.18
C MET D 143 16.71 -12.81 22.68
N GLU D 144 15.56 -12.63 22.04
CA GLU D 144 14.68 -11.51 22.35
C GLU D 144 14.24 -11.53 23.82
N ARG D 145 14.01 -12.72 24.37
CA ARG D 145 13.54 -12.84 25.75
C ARG D 145 14.59 -12.43 26.77
N PHE D 146 15.79 -12.07 26.34
CA PHE D 146 16.82 -11.55 27.24
C PHE D 146 17.00 -10.05 27.09
N GLY D 147 16.13 -9.38 26.34
CA GLY D 147 16.15 -7.94 26.24
C GLY D 147 15.31 -7.30 27.32
N SER D 148 14.92 -6.05 27.07
CA SER D 148 14.08 -5.29 28.01
C SER D 148 13.57 -4.05 27.29
N ARG D 149 12.83 -3.22 28.04
CA ARG D 149 12.17 -2.05 27.46
C ARG D 149 13.16 -1.12 26.77
N ASN D 150 14.36 -1.00 27.32
CA ASN D 150 15.35 -0.05 26.83
C ASN D 150 16.53 -0.73 26.17
N GLY D 151 16.41 -2.01 25.87
CA GLY D 151 17.41 -2.73 25.13
C GLY D 151 18.53 -3.33 25.94
N LYS D 152 18.66 -2.95 27.20
CA LYS D 152 19.64 -3.61 28.05
C LYS D 152 19.30 -5.08 28.16
N THR D 153 20.29 -5.93 27.88
CA THR D 153 20.14 -7.37 28.00
C THR D 153 20.43 -7.80 29.44
N SER D 154 19.69 -8.81 29.89
CA SER D 154 19.92 -9.38 31.22
C SER D 154 20.97 -10.48 31.20
N LYS D 155 21.43 -10.89 30.02
CA LYS D 155 22.57 -11.77 29.85
C LYS D 155 23.28 -11.38 28.56
N LYS D 156 24.57 -11.70 28.50
CA LYS D 156 25.36 -11.35 27.33
C LYS D 156 24.98 -12.23 26.15
N ILE D 157 24.57 -11.61 25.05
CA ILE D 157 24.18 -12.31 23.84
C ILE D 157 25.23 -12.01 22.76
N THR D 158 26.26 -12.83 22.69
CA THR D 158 27.34 -12.61 21.75
C THR D 158 27.20 -13.51 20.52
N ILE D 159 27.99 -13.19 19.50
CA ILE D 159 28.11 -13.99 18.30
C ILE D 159 29.36 -14.84 18.45
N ALA D 160 29.22 -16.02 19.07
CA ALA D 160 30.39 -16.86 19.37
C ALA D 160 31.16 -17.25 18.11
N ASP D 161 30.49 -17.30 16.96
CA ASP D 161 31.15 -17.60 15.69
C ASP D 161 30.22 -17.35 14.50
N CYS D 162 30.79 -16.97 13.37
CA CYS D 162 29.99 -16.71 12.17
C CYS D 162 30.79 -17.10 10.94
N GLY D 163 30.20 -16.91 9.78
CA GLY D 163 30.85 -17.22 8.53
C GLY D 163 29.83 -17.39 7.41
N GLN D 164 30.37 -17.62 6.21
CA GLN D 164 29.53 -17.88 5.06
C GLN D 164 29.18 -19.36 4.97
N LEU D 165 28.04 -19.64 4.34
CA LEU D 165 27.64 -21.00 4.01
C LEU D 165 27.55 -21.14 2.49
N GLU D 166 27.74 -22.38 2.03
CA GLU D 166 27.77 -22.72 0.60
C GLU D 166 26.59 -22.13 -0.18
N PRO E 2 -23.85 -15.27 18.67
CA PRO E 2 -23.99 -16.35 17.69
C PRO E 2 -22.77 -16.46 16.79
N GLU E 3 -22.57 -17.60 16.15
CA GLU E 3 -21.50 -17.76 15.17
C GLU E 3 -22.15 -17.69 13.79
N CYS E 4 -22.08 -16.51 13.17
CA CYS E 4 -22.91 -16.20 12.01
C CYS E 4 -22.62 -17.13 10.83
N HIS E 5 -21.38 -17.61 10.68
CA HIS E 5 -21.07 -18.46 9.55
C HIS E 5 -21.54 -19.89 9.78
N ILE E 6 -21.61 -20.33 11.04
CA ILE E 6 -22.24 -21.61 11.34
C ILE E 6 -23.74 -21.53 11.10
N GLU E 7 -24.37 -20.45 11.60
CA GLU E 7 -25.81 -20.28 11.40
C GLU E 7 -26.17 -20.13 9.92
N ALA E 8 -25.29 -19.49 9.14
CA ALA E 8 -25.50 -19.45 7.70
C ALA E 8 -25.40 -20.84 7.10
N TYR E 9 -24.38 -21.60 7.51
CA TYR E 9 -24.24 -22.98 7.04
C TYR E 9 -25.45 -23.80 7.43
N TRP E 10 -25.98 -23.58 8.64
CA TRP E 10 -27.13 -24.32 9.12
C TRP E 10 -28.39 -23.98 8.33
N CYS E 11 -28.59 -22.71 8.01
CA CYS E 11 -29.78 -22.30 7.26
C CYS E 11 -29.73 -22.82 5.82
N ILE E 12 -28.53 -22.88 5.24
CA ILE E 12 -28.32 -23.33 3.85
C ILE E 12 -28.48 -24.85 3.77
N PRO F 2 -9.09 -1.08 -12.26
CA PRO F 2 -8.30 0.12 -11.97
C PRO F 2 -7.11 0.31 -12.92
N GLU F 3 -6.40 1.42 -12.76
CA GLU F 3 -5.13 1.65 -13.45
C GLU F 3 -4.06 1.60 -12.37
N CYS F 4 -3.37 0.47 -12.27
CA CYS F 4 -2.56 0.17 -11.09
C CYS F 4 -1.38 1.14 -10.97
N HIS F 5 -0.78 1.54 -12.09
CA HIS F 5 0.38 2.43 -12.01
C HIS F 5 -0.02 3.84 -11.61
N ILE F 6 -1.24 4.27 -11.92
CA ILE F 6 -1.73 5.55 -11.44
C ILE F 6 -1.98 5.49 -9.94
N GLU F 7 -2.71 4.46 -9.49
CA GLU F 7 -2.98 4.32 -8.06
C GLU F 7 -1.67 4.21 -7.27
N ALA F 8 -0.64 3.61 -7.87
CA ALA F 8 0.65 3.53 -7.20
C ALA F 8 1.29 4.91 -7.08
N TYR F 9 1.20 5.72 -8.15
CA TYR F 9 1.65 7.10 -8.10
C TYR F 9 0.88 7.89 -7.03
N TRP F 10 -0.44 7.74 -7.03
CA TRP F 10 -1.30 8.38 -6.04
C TRP F 10 -0.85 8.05 -4.62
N CYS F 11 -0.68 6.76 -4.33
CA CYS F 11 -0.29 6.32 -2.99
C CYS F 11 1.03 6.94 -2.56
N ILE F 12 2.03 6.89 -3.45
CA ILE F 12 3.36 7.44 -3.16
C ILE F 12 3.30 8.94 -2.94
N PRO G 2 -17.16 9.29 0.48
CA PRO G 2 -17.45 10.38 -0.48
C PRO G 2 -16.28 10.86 -1.35
N GLU G 3 -15.70 10.00 -2.19
CA GLU G 3 -14.58 10.37 -3.03
C GLU G 3 -14.93 10.41 -4.50
N CYS G 4 -16.20 10.64 -4.85
CA CYS G 4 -16.62 10.59 -6.24
C CYS G 4 -15.95 11.69 -7.07
N HIS G 5 -15.77 12.87 -6.47
CA HIS G 5 -15.10 13.96 -7.18
C HIS G 5 -13.61 13.69 -7.32
N ILE G 6 -13.02 12.95 -6.38
CA ILE G 6 -11.63 12.54 -6.54
C ILE G 6 -11.50 11.57 -7.72
N GLU G 7 -12.45 10.64 -7.86
CA GLU G 7 -12.37 9.67 -8.95
C GLU G 7 -12.62 10.34 -10.30
N ALA G 8 -13.51 11.34 -10.34
CA ALA G 8 -13.72 12.09 -11.57
C ALA G 8 -12.46 12.87 -11.96
N TYR G 9 -11.71 13.34 -10.96
CA TYR G 9 -10.48 14.08 -11.21
C TYR G 9 -9.41 13.18 -11.82
N TRP G 10 -9.34 11.92 -11.38
CA TRP G 10 -8.32 11.02 -11.90
C TRP G 10 -8.73 10.35 -13.20
N CYS G 11 -10.03 10.25 -13.47
CA CYS G 11 -10.47 9.85 -14.79
C CYS G 11 -10.04 10.88 -15.83
N ILE G 12 -10.13 12.16 -15.49
CA ILE G 12 -9.66 13.25 -16.35
C ILE G 12 -8.17 13.19 -16.51
N PRO H 2 24.75 4.58 15.26
CA PRO H 2 23.45 3.97 14.96
C PRO H 2 22.40 4.36 16.00
N GLU H 3 21.82 5.54 15.84
CA GLU H 3 20.80 6.01 16.77
C GLU H 3 19.40 6.09 16.16
N CYS H 4 19.29 6.17 14.83
CA CYS H 4 18.08 6.67 14.21
C CYS H 4 16.89 5.73 14.35
N HIS H 5 17.10 4.40 14.28
CA HIS H 5 15.95 3.51 14.31
C HIS H 5 15.34 3.41 15.71
N ILE H 6 16.11 3.73 16.75
CA ILE H 6 15.54 3.79 18.09
C ILE H 6 14.67 5.03 18.23
N GLU H 7 15.18 6.19 17.79
CA GLU H 7 14.42 7.42 17.87
C GLU H 7 13.12 7.32 17.08
N ALA H 8 13.17 6.73 15.88
CA ALA H 8 11.95 6.51 15.11
C ALA H 8 10.97 5.64 15.87
N TYR H 9 11.48 4.56 16.49
CA TYR H 9 10.66 3.66 17.30
C TYR H 9 9.92 4.41 18.40
N TRP H 10 10.64 5.31 19.09
CA TRP H 10 10.01 6.06 20.18
C TRP H 10 9.10 7.17 19.67
N CYS H 11 9.40 7.72 18.48
CA CYS H 11 8.49 8.67 17.86
C CYS H 11 7.11 8.03 17.65
N ILE H 12 7.10 6.78 17.20
CA ILE H 12 5.88 6.01 17.02
C ILE H 12 5.16 5.85 18.35
#